data_8ZM7
#
_entry.id   8ZM7
#
_cell.length_a   169.904
_cell.length_b   169.904
_cell.length_c   245.079
_cell.angle_alpha   90.00
_cell.angle_beta   90.00
_cell.angle_gamma   120.00
#
_symmetry.space_group_name_H-M   'P 65 2 2'
#
loop_
_entity.id
_entity.type
_entity.pdbx_description
1 polymer 'Amine transaminase'
2 non-polymer 'SODIUM ION'
3 non-polymer 'CHLORIDE ION'
4 non-polymer GLYCEROL
5 non-polymer 'SULFATE ION'
6 non-polymer '(2S)-2-hydroxybutanedioic acid'
7 water water
#
_entity_poly.entity_id   1
_entity_poly.type   'polypeptide(L)'
_entity_poly.pdbx_seq_one_letter_code
;MASMEKVFAGYQARQAVLEASASTNPFAKGIAWVEGELVPLHEARIPLLDQGFMHSDLTYDVPSVWDGRFFRLDDHLSRL
EASCSKMRLKLPLPREEVKQILVDMVAKSGIRDAFVELIVTRGLKGVRGSKPEELVNNNLYMFIQPYVWVMEPEMQRTGG
SAIIARTVRRVPPGSMDPTVKNLQWGDLTRGMFEASDRGATYPFLTDGDANLTEGSGFNIVLVKDGVLYTPDRGVLEGVT
RKSVIDVARANGIEVRVEVVPVELAYQCDEIFMCTTAGGIMPITSLDGKPVNDGKVGPITKKIWDGYWAMHYDPAYSFEI
DYESASKKSG
;
_entity_poly.pdbx_strand_id   A,B,C,D
#
# COMPACT_ATOMS: atom_id res chain seq x y z
N SER A 3 26.30 9.80 34.22
CA SER A 3 26.55 10.87 33.25
C SER A 3 27.11 10.31 31.95
N MET A 4 27.02 11.10 30.88
CA MET A 4 27.44 10.63 29.58
C MET A 4 28.96 10.54 29.47
N GLU A 5 29.68 11.48 30.08
CA GLU A 5 31.14 11.47 30.00
C GLU A 5 31.73 10.27 30.73
N LYS A 6 31.14 9.90 31.87
CA LYS A 6 31.68 8.78 32.64
C LYS A 6 31.41 7.45 31.94
N VAL A 7 30.25 7.31 31.29
CA VAL A 7 29.93 6.07 30.61
C VAL A 7 30.88 5.84 29.43
N PHE A 8 31.14 6.89 28.65
CA PHE A 8 32.02 6.74 27.49
C PHE A 8 33.48 6.62 27.90
N ALA A 9 33.88 7.25 29.00
CA ALA A 9 35.27 7.13 29.45
C ALA A 9 35.57 5.71 29.89
N GLY A 10 34.61 5.04 30.54
CA GLY A 10 34.80 3.65 30.89
C GLY A 10 34.90 2.75 29.68
N TYR A 11 34.08 3.03 28.65
CA TYR A 11 34.16 2.26 27.42
C TYR A 11 35.51 2.44 26.73
N GLN A 12 36.03 3.67 26.72
CA GLN A 12 37.31 3.93 26.10
C GLN A 12 38.44 3.21 26.82
N ALA A 13 38.34 3.11 28.15
CA ALA A 13 39.36 2.40 28.92
C ALA A 13 39.34 0.90 28.61
N ARG A 14 38.15 0.30 28.67
CA ARG A 14 38.05 -1.13 28.36
C ARG A 14 38.38 -1.42 26.91
N GLN A 15 38.06 -0.49 26.01
CA GLN A 15 38.41 -0.67 24.60
C GLN A 15 39.92 -0.73 24.42
N ALA A 16 40.64 0.20 25.05
CA ALA A 16 42.10 0.20 24.92
C ALA A 16 42.71 -1.07 25.48
N VAL A 17 42.16 -1.59 26.58
CA VAL A 17 42.66 -2.84 27.15
C VAL A 17 42.44 -3.98 26.18
N LEU A 18 41.29 -4.00 25.49
CA LEU A 18 41.01 -5.06 24.54
C LEU A 18 41.99 -5.04 23.37
N GLU A 19 42.24 -3.86 22.80
CA GLU A 19 43.16 -3.78 21.67
C GLU A 19 44.58 -4.15 22.06
N ALA A 20 44.97 -3.89 23.31
CA ALA A 20 46.29 -4.31 23.77
C ALA A 20 46.40 -5.83 23.84
N SER A 21 45.28 -6.52 24.08
CA SER A 21 45.28 -7.97 24.16
C SER A 21 45.25 -8.64 22.78
N ALA A 22 45.07 -7.89 21.71
CA ALA A 22 44.88 -8.50 20.39
C ALA A 22 46.12 -9.23 19.91
N SER A 23 47.31 -8.78 20.33
CA SER A 23 48.55 -9.39 19.87
C SER A 23 48.75 -10.80 20.43
N THR A 24 48.11 -11.12 21.57
CA THR A 24 48.25 -12.43 22.17
C THR A 24 46.96 -13.23 22.22
N ASN A 25 45.81 -12.60 22.00
CA ASN A 25 44.53 -13.30 21.98
C ASN A 25 43.93 -13.23 20.58
N PRO A 26 43.89 -14.34 19.84
CA PRO A 26 43.36 -14.31 18.47
C PRO A 26 41.85 -14.11 18.39
N PHE A 27 41.15 -14.08 19.52
CA PHE A 27 39.72 -13.83 19.56
C PHE A 27 39.37 -12.40 19.94
N ALA A 28 40.37 -11.55 20.15
CA ALA A 28 40.10 -10.19 20.63
C ALA A 28 39.35 -9.36 19.59
N LYS A 29 39.57 -9.65 18.30
CA LYS A 29 38.82 -8.98 17.24
C LYS A 29 37.47 -9.62 16.98
N GLY A 30 37.12 -10.67 17.71
CA GLY A 30 35.85 -11.36 17.53
C GLY A 30 36.04 -12.85 17.41
N ILE A 31 35.01 -13.59 17.82
CA ILE A 31 35.01 -15.05 17.79
C ILE A 31 33.68 -15.51 17.22
N ALA A 32 33.71 -16.58 16.43
CA ALA A 32 32.53 -17.10 15.78
C ALA A 32 32.36 -18.57 16.08
N TRP A 33 31.10 -19.01 16.13
CA TRP A 33 30.72 -20.40 16.34
C TRP A 33 30.15 -20.92 15.03
N VAL A 34 30.84 -21.86 14.40
CA VAL A 34 30.44 -22.43 13.12
C VAL A 34 30.53 -23.95 13.24
N GLU A 35 29.37 -24.62 13.22
CA GLU A 35 29.30 -26.08 13.26
C GLU A 35 30.07 -26.66 14.43
N GLY A 36 29.90 -26.05 15.61
CA GLY A 36 30.54 -26.53 16.81
C GLY A 36 31.99 -26.14 17.00
N GLU A 37 32.54 -25.32 16.11
CA GLU A 37 33.94 -24.92 16.18
C GLU A 37 34.04 -23.42 16.40
N LEU A 38 34.95 -23.03 17.29
CA LEU A 38 35.20 -21.62 17.59
C LEU A 38 36.38 -21.14 16.77
N VAL A 39 36.16 -20.14 15.93
CA VAL A 39 37.20 -19.59 15.07
C VAL A 39 37.23 -18.07 15.24
N PRO A 40 38.37 -17.44 14.97
CA PRO A 40 38.39 -15.97 14.90
C PRO A 40 37.37 -15.46 13.90
N LEU A 41 36.74 -14.33 14.24
CA LEU A 41 35.59 -13.84 13.49
C LEU A 41 35.95 -13.60 12.02
N HIS A 42 37.06 -12.92 11.77
CA HIS A 42 37.40 -12.56 10.40
C HIS A 42 37.93 -13.75 9.59
N GLU A 43 38.04 -14.93 10.20
CA GLU A 43 38.35 -16.15 9.47
C GLU A 43 37.14 -17.07 9.32
N ALA A 44 36.00 -16.70 9.89
CA ALA A 44 34.82 -17.56 9.85
C ALA A 44 34.26 -17.64 8.43
N ARG A 45 33.87 -18.85 8.05
CA ARG A 45 33.28 -19.10 6.74
C ARG A 45 32.05 -19.97 6.90
N ILE A 46 31.08 -19.77 6.02
CA ILE A 46 29.83 -20.53 6.04
C ILE A 46 29.67 -21.18 4.68
N PRO A 47 28.91 -22.27 4.59
CA PRO A 47 28.69 -22.91 3.29
C PRO A 47 27.97 -21.99 2.33
N LEU A 48 28.47 -21.94 1.10
CA LEU A 48 27.86 -21.09 0.08
C LEU A 48 26.40 -21.47 -0.17
N LEU A 49 26.08 -22.77 -0.06
CA LEU A 49 24.73 -23.26 -0.34
C LEU A 49 23.78 -23.08 0.85
N ASP A 50 24.23 -22.50 1.95
CA ASP A 50 23.34 -22.22 3.07
C ASP A 50 22.23 -21.29 2.63
N GLN A 51 20.98 -21.68 2.89
CA GLN A 51 19.83 -20.89 2.45
C GLN A 51 19.77 -19.52 3.12
N GLY A 52 20.44 -19.35 4.26
CA GLY A 52 20.57 -18.02 4.83
C GLY A 52 21.30 -17.06 3.91
N PHE A 53 22.13 -17.58 3.01
CA PHE A 53 22.76 -16.80 1.96
C PHE A 53 22.02 -16.90 0.63
N MET A 54 21.62 -18.12 0.23
CA MET A 54 21.01 -18.32 -1.08
C MET A 54 19.67 -17.60 -1.21
N HIS A 55 18.93 -17.45 -0.12
CA HIS A 55 17.65 -16.76 -0.18
C HIS A 55 17.38 -15.92 1.07
N SER A 56 18.42 -15.60 1.84
CA SER A 56 18.26 -14.87 3.11
C SER A 56 17.16 -15.47 3.97
N ASP A 57 17.01 -16.79 3.91
CA ASP A 57 15.98 -17.52 4.64
C ASP A 57 16.50 -17.77 6.05
N LEU A 58 16.36 -16.74 6.89
CA LEU A 58 16.91 -16.81 8.24
C LEU A 58 16.16 -15.81 9.12
N THR A 59 16.39 -15.96 10.42
CA THR A 59 16.11 -14.91 11.38
C THR A 59 17.34 -14.76 12.28
N TYR A 60 17.39 -13.65 13.02
CA TYR A 60 18.55 -13.39 13.86
C TYR A 60 18.15 -12.49 15.01
N ASP A 61 19.06 -12.33 15.96
CA ASP A 61 18.86 -11.41 17.07
C ASP A 61 20.21 -10.98 17.61
N VAL A 62 20.23 -9.81 18.23
CA VAL A 62 21.48 -9.22 18.69
C VAL A 62 21.37 -8.76 20.14
N PRO A 63 21.77 -9.59 21.10
CA PRO A 63 22.00 -9.10 22.46
C PRO A 63 23.35 -8.40 22.51
N SER A 64 23.67 -7.85 23.68
CA SER A 64 24.91 -7.10 23.83
C SER A 64 25.49 -7.35 25.22
N VAL A 65 26.78 -7.04 25.34
CA VAL A 65 27.49 -7.06 26.62
C VAL A 65 28.06 -5.67 26.84
N TRP A 66 27.93 -5.16 28.07
CA TRP A 66 28.45 -3.85 28.43
C TRP A 66 29.11 -3.94 29.79
N ASP A 67 30.38 -3.53 29.85
CA ASP A 67 31.15 -3.56 31.10
C ASP A 67 31.18 -4.98 31.68
N GLY A 68 31.32 -5.97 30.80
CA GLY A 68 31.34 -7.35 31.22
C GLY A 68 30.02 -7.90 31.69
N ARG A 69 28.91 -7.23 31.37
CA ARG A 69 27.58 -7.62 31.81
C ARG A 69 26.68 -7.82 30.59
N PHE A 70 26.17 -9.03 30.42
CA PHE A 70 25.17 -9.28 29.40
C PHE A 70 23.89 -8.52 29.73
N PHE A 71 23.31 -7.88 28.73
CA PHE A 71 22.15 -7.01 28.94
C PHE A 71 20.91 -7.66 28.33
N ARG A 72 19.96 -8.04 29.20
CA ARG A 72 18.65 -8.55 28.77
C ARG A 72 18.79 -9.72 27.80
N LEU A 73 19.74 -10.60 28.08
CA LEU A 73 20.00 -11.73 27.17
C LEU A 73 18.77 -12.62 27.01
N ASP A 74 18.05 -12.87 28.11
CA ASP A 74 16.88 -13.74 28.05
C ASP A 74 15.79 -13.15 27.17
N ASP A 75 15.66 -11.82 27.14
CA ASP A 75 14.69 -11.20 26.25
C ASP A 75 15.05 -11.45 24.78
N HIS A 76 16.34 -11.38 24.45
CA HIS A 76 16.76 -11.59 23.07
C HIS A 76 16.62 -13.05 22.67
N LEU A 77 16.96 -13.98 23.58
CA LEU A 77 16.80 -15.39 23.27
C LEU A 77 15.32 -15.75 23.12
N SER A 78 14.45 -15.14 23.92
CA SER A 78 13.02 -15.38 23.77
C SER A 78 12.49 -14.81 22.47
N ARG A 79 13.00 -13.64 22.07
CA ARG A 79 12.58 -13.07 20.78
C ARG A 79 13.09 -13.90 19.62
N LEU A 80 14.32 -14.43 19.73
CA LEU A 80 14.84 -15.31 18.69
C LEU A 80 13.99 -16.55 18.55
N GLU A 81 13.58 -17.16 19.66
CA GLU A 81 12.74 -18.35 19.60
C GLU A 81 11.37 -18.03 19.02
N ALA A 82 10.79 -16.89 19.37
CA ALA A 82 9.53 -16.49 18.77
C ALA A 82 9.69 -16.20 17.28
N SER A 83 10.78 -15.54 16.90
CA SER A 83 11.04 -15.31 15.48
C SER A 83 11.22 -16.62 14.73
N CYS A 84 11.91 -17.59 15.35
CA CYS A 84 12.10 -18.89 14.71
C CYS A 84 10.76 -19.58 14.48
N SER A 85 9.87 -19.55 15.49
CA SER A 85 8.59 -20.22 15.35
C SER A 85 7.72 -19.57 14.28
N LYS A 86 7.81 -18.23 14.15
CA LYS A 86 7.03 -17.56 13.12
C LYS A 86 7.49 -17.95 11.71
N MET A 87 8.77 -18.27 11.55
CA MET A 87 9.31 -18.68 10.27
C MET A 87 9.38 -20.18 10.11
N ARG A 88 8.78 -20.94 11.03
CA ARG A 88 8.83 -22.40 11.02
C ARG A 88 10.27 -22.90 11.09
N LEU A 89 11.13 -22.12 11.74
CA LEU A 89 12.48 -22.55 12.09
C LEU A 89 12.50 -23.01 13.55
N LYS A 90 13.60 -23.63 13.92
CA LYS A 90 13.80 -24.10 15.29
C LYS A 90 15.26 -23.91 15.66
N LEU A 91 15.50 -23.28 16.80
CA LEU A 91 16.84 -23.13 17.35
C LEU A 91 17.53 -24.49 17.41
N PRO A 92 18.61 -24.70 16.65
CA PRO A 92 19.19 -26.06 16.54
C PRO A 92 19.73 -26.62 17.85
N LEU A 93 19.95 -25.79 18.86
CA LEU A 93 20.46 -26.24 20.14
C LEU A 93 19.48 -25.85 21.25
N PRO A 94 19.48 -26.57 22.36
CA PRO A 94 18.70 -26.12 23.52
C PRO A 94 19.12 -24.71 23.94
N ARG A 95 18.12 -23.91 24.32
CA ARG A 95 18.36 -22.53 24.71
C ARG A 95 19.39 -22.43 25.84
N GLU A 96 19.37 -23.40 26.77
CA GLU A 96 20.29 -23.37 27.89
C GLU A 96 21.73 -23.59 27.42
N GLU A 97 21.92 -24.46 26.43
CA GLU A 97 23.26 -24.68 25.88
C GLU A 97 23.73 -23.47 25.08
N VAL A 98 22.82 -22.87 24.30
CA VAL A 98 23.16 -21.65 23.57
C VAL A 98 23.64 -20.57 24.54
N LYS A 99 22.96 -20.44 25.67
CA LYS A 99 23.36 -19.46 26.68
C LYS A 99 24.76 -19.75 27.20
N GLN A 100 25.07 -21.03 27.47
CA GLN A 100 26.40 -21.38 27.96
C GLN A 100 27.48 -21.13 26.91
N ILE A 101 27.18 -21.45 25.64
CA ILE A 101 28.16 -21.21 24.58
C ILE A 101 28.41 -19.72 24.42
N LEU A 102 27.35 -18.92 24.42
CA LEU A 102 27.49 -17.48 24.20
C LEU A 102 28.41 -16.85 25.23
N VAL A 103 28.17 -17.14 26.52
CA VAL A 103 28.99 -16.56 27.57
C VAL A 103 30.42 -17.05 27.49
N ASP A 104 30.61 -18.33 27.14
CA ASP A 104 31.97 -18.85 27.01
C ASP A 104 32.71 -18.18 25.86
N MET A 105 32.00 -17.89 24.76
CA MET A 105 32.62 -17.18 23.64
C MET A 105 33.05 -15.78 24.04
N VAL A 106 32.21 -15.07 24.79
CA VAL A 106 32.56 -13.73 25.26
C VAL A 106 33.77 -13.80 26.17
N ALA A 107 33.79 -14.77 27.09
CA ALA A 107 34.92 -14.89 28.01
C ALA A 107 36.21 -15.22 27.27
N LYS A 108 36.11 -16.06 26.23
CA LYS A 108 37.29 -16.38 25.43
C LYS A 108 37.79 -15.17 24.67
N SER A 109 36.88 -14.33 24.18
CA SER A 109 37.29 -13.16 23.42
C SER A 109 37.87 -12.07 24.32
N GLY A 110 37.47 -12.04 25.59
CA GLY A 110 37.88 -10.97 26.47
C GLY A 110 37.19 -9.65 26.22
N ILE A 111 36.21 -9.62 25.33
CA ILE A 111 35.51 -8.39 24.98
C ILE A 111 34.54 -8.04 26.10
N ARG A 112 34.69 -6.83 26.66
CA ARG A 112 33.81 -6.38 27.73
C ARG A 112 32.59 -5.63 27.21
N ASP A 113 32.69 -5.00 26.05
CA ASP A 113 31.57 -4.31 25.41
C ASP A 113 31.40 -4.94 24.03
N ALA A 114 30.40 -5.79 23.90
CA ALA A 114 30.33 -6.72 22.79
C ALA A 114 29.03 -6.57 22.00
N PHE A 115 29.16 -6.72 20.68
CA PHE A 115 28.03 -6.92 19.79
C PHE A 115 27.90 -8.43 19.57
N VAL A 116 26.77 -9.00 19.98
CA VAL A 116 26.54 -10.44 19.95
C VAL A 116 25.43 -10.74 18.96
N GLU A 117 25.69 -11.64 18.02
CA GLU A 117 24.72 -11.97 16.99
C GLU A 117 24.51 -13.48 16.92
N LEU A 118 23.25 -13.89 16.87
CA LEU A 118 22.86 -15.28 16.66
C LEU A 118 22.03 -15.33 15.39
N ILE A 119 22.34 -16.27 14.51
CA ILE A 119 21.64 -16.44 13.24
C ILE A 119 21.14 -17.87 13.15
N VAL A 120 19.85 -18.03 12.82
CA VAL A 120 19.25 -19.33 12.56
C VAL A 120 18.74 -19.31 11.13
N THR A 121 19.34 -20.14 10.27
CA THR A 121 18.94 -20.21 8.87
C THR A 121 18.19 -21.50 8.59
N ARG A 122 17.54 -21.54 7.42
CA ARG A 122 16.77 -22.72 7.03
C ARG A 122 17.65 -23.96 6.93
N GLY A 123 18.91 -23.79 6.56
CA GLY A 123 19.81 -24.91 6.39
C GLY A 123 20.30 -25.06 4.96
N LEU A 124 20.72 -26.27 4.59
CA LEU A 124 21.22 -26.52 3.24
C LEU A 124 20.13 -26.82 2.22
N LYS A 125 18.91 -27.13 2.67
CA LYS A 125 17.81 -27.48 1.77
C LYS A 125 16.82 -26.32 1.69
N GLY A 126 16.54 -25.88 0.47
CA GLY A 126 15.63 -24.77 0.28
C GLY A 126 14.18 -25.15 0.51
N VAL A 127 13.35 -24.13 0.70
CA VAL A 127 11.93 -24.35 0.97
C VAL A 127 11.20 -24.83 -0.28
N ARG A 128 11.61 -24.36 -1.46
CA ARG A 128 10.88 -24.64 -2.69
C ARG A 128 10.81 -26.15 -2.95
N GLY A 129 9.59 -26.64 -3.19
CA GLY A 129 9.40 -28.03 -3.55
C GLY A 129 9.79 -29.01 -2.47
N SER A 130 9.71 -28.62 -1.21
CA SER A 130 10.11 -29.47 -0.09
C SER A 130 8.93 -29.68 0.85
N LYS A 131 8.83 -30.90 1.38
CA LYS A 131 7.85 -31.16 2.42
C LYS A 131 8.41 -30.72 3.77
N PRO A 132 7.54 -30.39 4.73
CA PRO A 132 8.03 -29.89 6.03
C PRO A 132 9.00 -30.82 6.74
N GLU A 133 9.00 -32.12 6.42
CA GLU A 133 9.88 -33.06 7.12
C GLU A 133 11.34 -32.83 6.79
N GLU A 134 11.65 -32.41 5.56
CA GLU A 134 13.02 -32.22 5.14
C GLU A 134 13.50 -30.77 5.31
N LEU A 135 12.78 -29.98 6.10
CA LEU A 135 13.18 -28.60 6.41
C LEU A 135 13.46 -28.42 7.90
N VAL A 136 13.96 -29.47 8.55
CA VAL A 136 14.20 -29.44 9.99
C VAL A 136 15.66 -29.25 10.36
N ASN A 137 16.59 -29.45 9.42
N ASN A 137 16.59 -29.46 9.43
CA ASN A 137 18.01 -29.31 9.69
CA ASN A 137 18.01 -29.31 9.70
C ASN A 137 18.42 -27.84 9.52
C ASN A 137 18.42 -27.85 9.53
N ASN A 138 17.96 -27.03 10.48
CA ASN A 138 18.28 -25.61 10.47
C ASN A 138 19.70 -25.38 10.96
N ASN A 139 20.33 -24.33 10.43
CA ASN A 139 21.72 -24.00 10.76
C ASN A 139 21.79 -22.85 11.74
N LEU A 140 22.76 -22.89 12.63
CA LEU A 140 22.94 -21.87 13.67
C LEU A 140 24.33 -21.28 13.54
N TYR A 141 24.41 -19.95 13.52
CA TYR A 141 25.68 -19.24 13.53
C TYR A 141 25.64 -18.19 14.64
N MET A 142 26.74 -18.09 15.39
CA MET A 142 26.86 -17.12 16.45
C MET A 142 28.24 -16.50 16.40
N PHE A 143 28.32 -15.21 16.72
CA PHE A 143 29.63 -14.57 16.82
C PHE A 143 29.58 -13.40 17.78
N ILE A 144 30.71 -13.14 18.41
CA ILE A 144 30.93 -11.99 19.27
C ILE A 144 31.88 -11.05 18.56
N GLN A 145 31.65 -9.75 18.68
CA GLN A 145 32.54 -8.76 18.10
C GLN A 145 32.47 -7.50 18.95
N PRO A 146 33.48 -6.64 18.87
CA PRO A 146 33.46 -5.40 19.67
C PRO A 146 32.21 -4.59 19.39
N TYR A 147 31.76 -3.88 20.43
CA TYR A 147 30.52 -3.11 20.39
C TYR A 147 30.46 -2.23 19.15
N VAL A 148 29.31 -2.26 18.47
CA VAL A 148 29.08 -1.52 17.24
C VAL A 148 28.18 -0.33 17.54
N TRP A 149 28.53 0.84 17.01
CA TRP A 149 27.82 2.08 17.27
C TRP A 149 27.10 2.52 16.00
N VAL A 150 25.76 2.48 16.02
CA VAL A 150 25.00 3.13 14.95
C VAL A 150 25.23 4.63 15.00
N MET A 151 25.39 5.19 16.19
CA MET A 151 25.83 6.57 16.38
C MET A 151 27.03 6.55 17.32
N GLU A 152 28.15 7.08 16.84
CA GLU A 152 29.38 7.07 17.64
C GLU A 152 29.19 7.89 18.92
N PRO A 153 29.92 7.56 19.98
CA PRO A 153 29.75 8.28 21.25
C PRO A 153 29.92 9.79 21.14
N GLU A 154 30.89 10.24 20.35
CA GLU A 154 31.08 11.68 20.17
C GLU A 154 29.85 12.34 19.55
N MET A 155 29.23 11.65 18.59
CA MET A 155 28.03 12.19 17.96
C MET A 155 26.84 12.18 18.92
N GLN A 156 26.84 11.28 19.90
CA GLN A 156 25.73 11.22 20.85
C GLN A 156 25.68 12.47 21.74
N ARG A 157 26.82 13.11 21.95
CA ARG A 157 26.84 14.31 22.79
C ARG A 157 26.09 15.47 22.16
N THR A 158 26.12 15.57 20.83
CA THR A 158 25.51 16.70 20.13
C THR A 158 24.29 16.33 19.31
N GLY A 159 24.06 15.06 19.05
CA GLY A 159 22.93 14.64 18.24
C GLY A 159 23.28 14.49 16.77
N GLY A 160 22.41 13.78 16.05
CA GLY A 160 22.64 13.45 14.66
C GLY A 160 21.60 14.07 13.73
N SER A 161 21.86 13.92 12.43
CA SER A 161 21.00 14.45 11.38
C SER A 161 20.23 13.32 10.72
N ALA A 162 18.95 13.55 10.49
CA ALA A 162 18.08 12.55 9.88
C ALA A 162 17.25 13.18 8.77
N ILE A 163 16.71 12.32 7.91
CA ILE A 163 15.77 12.73 6.88
C ILE A 163 14.60 11.76 6.88
N ILE A 164 13.43 12.27 6.50
CA ILE A 164 12.29 11.43 6.16
C ILE A 164 12.48 10.96 4.73
N ALA A 165 12.65 9.64 4.56
CA ALA A 165 12.95 9.10 3.24
C ALA A 165 11.79 9.34 2.28
N ARG A 166 12.11 9.87 1.10
CA ARG A 166 11.12 10.16 0.08
C ARG A 166 11.27 9.32 -1.18
N THR A 167 12.34 8.52 -1.29
CA THR A 167 12.53 7.64 -2.44
C THR A 167 12.32 6.17 -2.10
N VAL A 168 12.06 5.84 -0.84
CA VAL A 168 11.92 4.46 -0.41
C VAL A 168 10.99 4.41 0.80
N ARG A 169 10.18 3.36 0.88
CA ARG A 169 9.32 3.13 2.04
C ARG A 169 9.62 1.76 2.63
N ARG A 170 9.21 1.58 3.88
CA ARG A 170 9.49 0.34 4.59
C ARG A 170 8.71 -0.82 3.98
N VAL A 171 9.33 -1.99 3.96
CA VAL A 171 8.67 -3.22 3.52
C VAL A 171 7.43 -3.43 4.38
N PRO A 172 6.25 -3.56 3.78
CA PRO A 172 5.03 -3.67 4.58
C PRO A 172 4.99 -5.01 5.30
N PRO A 173 4.27 -5.08 6.43
CA PRO A 173 4.17 -6.38 7.13
C PRO A 173 3.53 -7.48 6.31
N GLY A 174 2.66 -7.11 5.36
CA GLY A 174 2.07 -8.10 4.46
C GLY A 174 3.06 -8.75 3.52
N SER A 175 4.26 -8.20 3.39
CA SER A 175 5.35 -8.84 2.66
C SER A 175 6.32 -9.57 3.58
N MET A 176 6.78 -8.89 4.62
CA MET A 176 7.71 -9.45 5.59
C MET A 176 7.35 -8.92 6.97
N ASP A 177 7.24 -9.83 7.93
CA ASP A 177 6.89 -9.46 9.30
C ASP A 177 8.05 -8.70 9.93
N PRO A 178 7.91 -7.39 10.18
CA PRO A 178 9.03 -6.63 10.76
C PRO A 178 9.33 -6.99 12.21
N THR A 179 8.41 -7.68 12.91
CA THR A 179 8.72 -8.15 14.25
C THR A 179 9.63 -9.38 14.24
N VAL A 180 9.73 -10.06 13.10
CA VAL A 180 10.71 -11.12 12.90
C VAL A 180 11.99 -10.45 12.40
N LYS A 181 12.97 -10.31 13.29
CA LYS A 181 14.23 -9.68 12.92
C LYS A 181 14.88 -10.46 11.78
N ASN A 182 15.19 -9.76 10.69
CA ASN A 182 15.71 -10.40 9.49
C ASN A 182 16.81 -9.54 8.89
N LEU A 183 17.55 -10.13 7.95
CA LEU A 183 18.68 -9.46 7.32
C LEU A 183 18.37 -9.03 5.89
N GLN A 184 17.09 -9.04 5.49
CA GLN A 184 16.68 -8.60 4.16
C GLN A 184 16.51 -7.08 4.20
N TRP A 185 17.64 -6.39 4.07
CA TRP A 185 17.73 -4.95 4.29
C TRP A 185 17.63 -4.13 3.01
N GLY A 186 16.88 -4.62 2.02
CA GLY A 186 16.83 -3.93 0.73
C GLY A 186 16.34 -2.50 0.85
N ASP A 187 15.24 -2.30 1.57
CA ASP A 187 14.70 -0.95 1.74
C ASP A 187 15.59 -0.10 2.64
N LEU A 188 16.15 -0.71 3.69
CA LEU A 188 16.98 0.05 4.62
C LEU A 188 18.29 0.49 3.98
N THR A 189 18.89 -0.37 3.15
CA THR A 189 20.08 0.03 2.42
C THR A 189 19.79 1.16 1.45
N ARG A 190 18.62 1.12 0.81
CA ARG A 190 18.21 2.22 -0.06
C ARG A 190 18.07 3.51 0.73
N GLY A 191 17.45 3.45 1.91
CA GLY A 191 17.31 4.64 2.73
C GLY A 191 18.65 5.23 3.14
N MET A 192 19.61 4.36 3.42
CA MET A 192 20.94 4.84 3.79
C MET A 192 21.62 5.56 2.62
N PHE A 193 21.38 5.08 1.40
CA PHE A 193 21.92 5.78 0.23
C PHE A 193 21.23 7.11 0.02
N GLU A 194 19.91 7.17 0.25
CA GLU A 194 19.20 8.44 0.11
C GLU A 194 19.66 9.45 1.15
N ALA A 195 19.90 8.99 2.39
CA ALA A 195 20.40 9.88 3.43
C ALA A 195 21.76 10.45 3.04
N SER A 196 22.64 9.61 2.50
CA SER A 196 23.95 10.10 2.07
C SER A 196 23.81 11.09 0.92
N ASP A 197 22.92 10.83 -0.03
CA ASP A 197 22.72 11.73 -1.15
C ASP A 197 22.18 13.09 -0.69
N ARG A 198 21.41 13.10 0.40
CA ARG A 198 20.77 14.31 0.89
C ARG A 198 21.56 14.98 2.01
N GLY A 199 22.77 14.50 2.29
CA GLY A 199 23.62 15.14 3.28
C GLY A 199 23.28 14.86 4.73
N ALA A 200 22.56 13.78 5.01
CA ALA A 200 22.24 13.39 6.37
C ALA A 200 22.75 11.98 6.64
N THR A 201 22.67 11.57 7.91
CA THR A 201 23.24 10.29 8.33
C THR A 201 22.20 9.19 8.50
N TYR A 202 20.99 9.51 8.94
CA TYR A 202 20.02 8.49 9.31
C TYR A 202 18.73 8.65 8.53
N PRO A 203 18.27 7.60 7.85
CA PRO A 203 16.97 7.67 7.17
C PRO A 203 15.82 7.21 8.05
N PHE A 204 14.74 8.00 8.09
CA PHE A 204 13.49 7.58 8.71
C PHE A 204 12.54 7.13 7.60
N LEU A 205 12.19 5.85 7.63
CA LEU A 205 11.34 5.28 6.57
C LEU A 205 9.87 5.35 6.97
N THR A 206 9.02 5.72 6.01
CA THR A 206 7.59 5.72 6.23
C THR A 206 6.99 4.39 5.79
N ASP A 207 5.71 4.20 6.09
CA ASP A 207 4.97 3.02 5.66
C ASP A 207 4.24 3.22 4.34
N GLY A 208 4.48 4.34 3.66
CA GLY A 208 3.74 4.65 2.46
C GLY A 208 2.33 5.18 2.70
N ASP A 209 1.86 5.19 3.94
CA ASP A 209 0.56 5.75 4.29
C ASP A 209 0.71 7.00 5.15
N ALA A 210 1.83 7.72 4.96
CA ALA A 210 2.12 8.96 5.68
C ALA A 210 2.32 8.75 7.18
N ASN A 211 2.81 7.57 7.57
CA ASN A 211 3.14 7.27 8.96
C ASN A 211 4.59 6.85 9.07
N LEU A 212 5.19 7.10 10.22
CA LEU A 212 6.56 6.68 10.48
C LEU A 212 6.62 5.21 10.86
N THR A 213 7.71 4.56 10.48
CA THR A 213 7.99 3.21 10.94
C THR A 213 9.31 3.23 11.68
N GLU A 214 10.40 2.78 11.06
CA GLU A 214 11.70 2.72 11.70
C GLU A 214 12.76 3.14 10.68
N GLY A 215 14.02 3.09 11.10
CA GLY A 215 15.13 3.40 10.23
C GLY A 215 16.01 2.20 9.94
N SER A 216 17.19 2.49 9.41
CA SER A 216 18.15 1.45 9.01
C SER A 216 18.85 0.93 10.27
N GLY A 217 18.15 0.06 10.98
CA GLY A 217 18.66 -0.57 12.17
C GLY A 217 18.36 0.11 13.48
N PHE A 218 17.20 0.77 13.62
CA PHE A 218 16.86 1.45 14.87
C PHE A 218 15.37 1.76 14.86
N ASN A 219 14.80 1.85 16.06
CA ASN A 219 13.45 2.38 16.23
C ASN A 219 13.51 3.90 16.36
N ILE A 220 12.36 4.53 16.16
CA ILE A 220 12.25 5.99 16.20
C ILE A 220 11.32 6.37 17.34
N VAL A 221 11.72 7.37 18.12
CA VAL A 221 10.90 7.91 19.20
C VAL A 221 10.84 9.43 19.06
N LEU A 222 9.64 9.98 19.05
CA LEU A 222 9.43 11.41 19.06
C LEU A 222 8.98 11.87 20.43
N VAL A 223 9.35 13.10 20.79
CA VAL A 223 9.00 13.71 22.07
C VAL A 223 8.31 15.03 21.79
N LYS A 224 7.08 15.18 22.28
CA LYS A 224 6.35 16.44 22.17
C LYS A 224 5.55 16.68 23.44
N ASP A 225 5.82 17.81 24.11
CA ASP A 225 5.09 18.22 25.30
C ASP A 225 5.12 17.16 26.39
N GLY A 226 6.31 16.61 26.62
CA GLY A 226 6.51 15.65 27.69
C GLY A 226 6.00 14.26 27.42
N VAL A 227 5.55 13.95 26.21
CA VAL A 227 5.02 12.65 25.85
C VAL A 227 5.89 12.03 24.78
N LEU A 228 6.13 10.72 24.90
CA LEU A 228 6.93 9.98 23.94
C LEU A 228 6.01 9.23 22.98
N TYR A 229 6.37 9.27 21.69
CA TYR A 229 5.59 8.64 20.64
C TYR A 229 6.49 7.71 19.83
N THR A 230 6.06 6.48 19.63
CA THR A 230 6.83 5.54 18.82
C THR A 230 5.87 4.62 18.07
N PRO A 231 6.17 4.28 16.83
CA PRO A 231 5.22 3.48 16.03
C PRO A 231 4.98 2.11 16.62
N ASP A 232 3.72 1.64 16.50
CA ASP A 232 3.32 0.36 17.05
C ASP A 232 3.26 -0.75 16.01
N ARG A 233 3.21 -0.41 14.73
CA ARG A 233 3.13 -1.40 13.66
C ARG A 233 4.20 -1.11 12.62
N GLY A 234 4.54 -2.13 11.83
CA GLY A 234 5.54 -2.01 10.79
C GLY A 234 6.96 -1.90 11.26
N VAL A 235 7.25 -2.21 12.54
CA VAL A 235 8.58 -2.01 13.11
C VAL A 235 8.97 -3.24 13.91
N LEU A 236 10.28 -3.34 14.17
CA LEU A 236 10.76 -4.30 15.15
C LEU A 236 10.39 -3.83 16.54
N GLU A 237 9.90 -4.76 17.37
CA GLU A 237 9.63 -4.47 18.78
C GLU A 237 10.95 -4.57 19.52
N GLY A 238 11.71 -3.47 19.49
CA GLY A 238 13.07 -3.50 19.96
C GLY A 238 13.16 -3.74 21.47
N VAL A 239 14.23 -4.42 21.86
CA VAL A 239 14.51 -4.57 23.29
C VAL A 239 14.97 -3.25 23.88
N THR A 240 15.71 -2.44 23.10
CA THR A 240 16.06 -1.11 23.56
C THR A 240 14.81 -0.24 23.72
N ARG A 241 13.90 -0.32 22.75
CA ARG A 241 12.63 0.41 22.86
C ARG A 241 11.85 -0.03 24.09
N LYS A 242 11.89 -1.33 24.41
CA LYS A 242 11.27 -1.82 25.64
C LYS A 242 11.96 -1.24 26.86
N SER A 243 13.28 -1.10 26.82
CA SER A 243 13.99 -0.48 27.93
C SER A 243 13.70 1.01 28.02
N VAL A 244 13.44 1.66 26.88
CA VAL A 244 13.04 3.07 26.91
C VAL A 244 11.71 3.23 27.63
N ILE A 245 10.77 2.32 27.38
CA ILE A 245 9.48 2.36 28.06
C ILE A 245 9.67 2.12 29.55
N ASP A 246 10.57 1.20 29.91
CA ASP A 246 10.86 0.96 31.32
C ASP A 246 11.42 2.20 32.01
N VAL A 247 12.34 2.90 31.33
CA VAL A 247 12.93 4.10 31.93
C VAL A 247 11.89 5.21 32.05
N ALA A 248 11.06 5.37 31.02
CA ALA A 248 10.05 6.43 31.04
C ALA A 248 9.00 6.16 32.12
N ARG A 249 8.60 4.90 32.30
CA ARG A 249 7.65 4.57 33.35
C ARG A 249 8.23 4.88 34.73
N ALA A 250 9.51 4.60 34.93
CA ALA A 250 10.16 4.90 36.20
C ALA A 250 10.22 6.38 36.50
N ASN A 251 10.16 7.23 35.47
CA ASN A 251 10.19 8.68 35.63
C ASN A 251 8.82 9.32 35.41
N GLY A 252 7.75 8.51 35.37
CA GLY A 252 6.43 9.05 35.17
C GLY A 252 6.18 9.67 33.82
N ILE A 253 6.91 9.24 32.79
CA ILE A 253 6.78 9.78 31.44
C ILE A 253 5.92 8.83 30.61
N GLU A 254 4.92 9.38 29.94
CA GLU A 254 4.03 8.57 29.10
C GLU A 254 4.72 8.23 27.79
N VAL A 255 4.53 6.99 27.34
CA VAL A 255 5.00 6.53 26.04
C VAL A 255 3.81 5.96 25.30
N ARG A 256 3.42 6.60 24.19
CA ARG A 256 2.29 6.16 23.38
C ARG A 256 2.83 5.31 22.23
N VAL A 257 2.58 4.01 22.30
CA VAL A 257 2.98 3.08 21.24
C VAL A 257 1.77 2.97 20.31
N GLU A 258 1.78 3.78 19.25
CA GLU A 258 0.62 3.91 18.39
C GLU A 258 1.10 4.32 17.00
N VAL A 259 0.14 4.48 16.08
CA VAL A 259 0.46 5.02 14.76
C VAL A 259 0.92 6.45 14.91
N VAL A 260 2.08 6.76 14.34
CA VAL A 260 2.70 8.07 14.45
C VAL A 260 2.72 8.70 13.06
N PRO A 261 1.98 9.77 12.82
CA PRO A 261 2.02 10.43 11.51
C PRO A 261 3.37 11.09 11.27
N VAL A 262 3.75 11.13 9.99
CA VAL A 262 5.00 11.78 9.60
C VAL A 262 5.02 13.23 10.03
N GLU A 263 3.84 13.89 10.01
CA GLU A 263 3.76 15.31 10.35
C GLU A 263 4.28 15.59 11.76
N LEU A 264 4.10 14.64 12.68
CA LEU A 264 4.55 14.85 14.06
C LEU A 264 6.06 15.01 14.15
N ALA A 265 6.80 14.36 13.24
CA ALA A 265 8.25 14.49 13.26
C ALA A 265 8.70 15.93 13.03
N TYR A 266 7.89 16.71 12.32
CA TYR A 266 8.20 18.10 12.06
C TYR A 266 7.67 19.05 13.13
N GLN A 267 6.85 18.56 14.07
CA GLN A 267 6.26 19.41 15.10
C GLN A 267 6.64 18.98 16.52
N CYS A 268 7.58 18.06 16.67
CA CYS A 268 7.92 17.56 17.99
C CYS A 268 9.08 18.37 18.59
N ASP A 269 9.32 18.16 19.88
CA ASP A 269 10.35 18.87 20.61
C ASP A 269 11.69 18.15 20.57
N GLU A 270 11.70 16.82 20.67
CA GLU A 270 12.93 16.04 20.64
C GLU A 270 12.72 14.80 19.80
N ILE A 271 13.82 14.27 19.26
CA ILE A 271 13.84 13.01 18.54
C ILE A 271 15.07 12.23 18.99
N PHE A 272 14.90 10.93 19.18
CA PHE A 272 16.07 10.08 19.37
C PHE A 272 15.80 8.71 18.77
N MET A 273 16.88 8.03 18.43
CA MET A 273 16.85 6.68 17.91
C MET A 273 17.27 5.71 19.00
N CYS A 274 16.77 4.48 18.94
CA CYS A 274 17.16 3.48 19.93
C CYS A 274 17.35 2.13 19.26
N THR A 275 18.46 1.48 19.58
CA THR A 275 18.76 0.13 19.13
C THR A 275 19.85 -0.43 20.01
N THR A 276 20.01 -1.75 19.97
CA THR A 276 21.03 -2.40 20.80
C THR A 276 22.42 -1.94 20.43
N ALA A 277 22.70 -1.82 19.13
CA ALA A 277 24.02 -1.39 18.65
C ALA A 277 24.10 0.14 18.66
N GLY A 278 24.21 0.69 19.86
CA GLY A 278 24.34 2.13 20.01
C GLY A 278 23.63 2.70 21.23
N GLY A 279 22.47 2.15 21.56
CA GLY A 279 21.72 2.60 22.72
C GLY A 279 20.77 3.71 22.37
N ILE A 280 20.87 4.83 23.10
CA ILE A 280 19.99 5.99 22.91
C ILE A 280 20.75 7.03 22.12
N MET A 281 20.27 7.35 20.92
CA MET A 281 21.01 8.18 19.98
C MET A 281 20.16 9.38 19.55
N PRO A 282 20.49 10.58 20.03
CA PRO A 282 19.61 11.74 19.76
C PRO A 282 19.74 12.23 18.32
N ILE A 283 18.62 12.76 17.82
CA ILE A 283 18.55 13.38 16.50
C ILE A 283 18.21 14.85 16.71
N THR A 284 19.14 15.73 16.33
CA THR A 284 18.97 17.16 16.52
C THR A 284 18.74 17.91 15.21
N SER A 285 18.64 17.21 14.08
CA SER A 285 18.38 17.84 12.80
C SER A 285 17.54 16.90 11.96
N LEU A 286 16.51 17.46 11.31
CA LEU A 286 15.61 16.68 10.46
C LEU A 286 15.36 17.44 9.17
N ASP A 287 15.64 16.79 8.04
CA ASP A 287 15.45 17.38 6.72
C ASP A 287 16.21 18.71 6.59
N GLY A 288 17.42 18.75 7.15
CA GLY A 288 18.25 19.93 7.07
C GLY A 288 17.90 21.04 8.04
N LYS A 289 16.83 20.90 8.83
CA LYS A 289 16.43 21.89 9.81
C LYS A 289 16.64 21.37 11.23
N PRO A 290 16.98 22.24 12.17
CA PRO A 290 17.17 21.79 13.55
C PRO A 290 15.85 21.33 14.18
N VAL A 291 15.96 20.30 15.02
CA VAL A 291 14.84 19.83 15.81
C VAL A 291 14.69 20.77 17.00
N ASN A 292 13.58 21.50 17.06
CA ASN A 292 13.37 22.54 18.06
C ASN A 292 14.53 23.53 18.04
N ASP A 293 15.44 23.42 19.01
CA ASP A 293 16.59 24.31 19.11
C ASP A 293 17.89 23.64 18.67
N GLY A 294 17.82 22.45 18.11
CA GLY A 294 19.01 21.78 17.63
C GLY A 294 19.91 21.20 18.71
N LYS A 295 19.45 21.15 19.96
CA LYS A 295 20.21 20.59 21.05
C LYS A 295 19.55 19.30 21.55
N VAL A 296 20.34 18.47 22.21
CA VAL A 296 19.81 17.25 22.80
C VAL A 296 18.82 17.63 23.89
N GLY A 297 17.58 17.15 23.76
CA GLY A 297 16.51 17.54 24.65
C GLY A 297 16.63 16.94 26.04
N PRO A 298 15.97 17.56 27.01
CA PRO A 298 16.11 17.09 28.40
C PRO A 298 15.54 15.70 28.63
N ILE A 299 14.42 15.37 27.98
CA ILE A 299 13.84 14.04 28.17
C ILE A 299 14.73 12.97 27.55
N THR A 300 15.44 13.30 26.47
CA THR A 300 16.36 12.34 25.86
C THR A 300 17.49 11.98 26.82
N LYS A 301 18.04 12.97 27.52
CA LYS A 301 19.11 12.69 28.48
C LYS A 301 18.59 11.85 29.65
N LYS A 302 17.35 12.08 30.08
CA LYS A 302 16.74 11.24 31.11
C LYS A 302 16.63 9.80 30.64
N ILE A 303 16.16 9.60 29.40
CA ILE A 303 16.11 8.25 28.84
C ILE A 303 17.51 7.70 28.66
N TRP A 304 18.44 8.53 28.17
CA TRP A 304 19.82 8.10 27.98
C TRP A 304 20.44 7.64 29.29
N ASP A 305 20.32 8.46 30.34
CA ASP A 305 20.92 8.12 31.63
C ASP A 305 20.29 6.85 32.21
N GLY A 306 18.97 6.74 32.15
CA GLY A 306 18.30 5.58 32.71
C GLY A 306 18.60 4.30 31.96
N TYR A 307 18.76 4.38 30.64
CA TYR A 307 19.02 3.19 29.84
C TYR A 307 20.33 2.53 30.24
N TRP A 308 21.40 3.33 30.37
CA TRP A 308 22.69 2.77 30.75
C TRP A 308 22.77 2.39 32.23
N ALA A 309 21.96 3.02 33.08
CA ALA A 309 21.87 2.58 34.47
C ALA A 309 21.28 1.17 34.57
N MET A 310 20.36 0.82 33.66
CA MET A 310 19.77 -0.51 33.67
C MET A 310 20.79 -1.60 33.41
N HIS A 311 21.93 -1.27 32.80
CA HIS A 311 22.94 -2.28 32.50
C HIS A 311 23.64 -2.83 33.74
N TYR A 312 23.40 -2.21 34.90
CA TYR A 312 23.92 -2.71 36.17
C TYR A 312 22.82 -3.20 37.10
N ASP A 313 21.57 -3.17 36.65
CA ASP A 313 20.46 -3.72 37.42
C ASP A 313 20.45 -5.24 37.26
N PRO A 314 20.58 -6.01 38.35
CA PRO A 314 20.58 -7.48 38.22
C PRO A 314 19.30 -8.05 37.64
N ALA A 315 18.21 -7.28 37.63
CA ALA A 315 16.99 -7.75 36.98
C ALA A 315 17.06 -7.70 35.46
N TYR A 316 18.04 -6.98 34.90
CA TYR A 316 18.19 -6.87 33.47
C TYR A 316 19.57 -7.30 32.97
N SER A 317 20.49 -7.65 33.87
CA SER A 317 21.85 -7.95 33.46
C SER A 317 22.47 -8.95 34.43
N PHE A 318 23.54 -9.58 33.97
CA PHE A 318 24.33 -10.47 34.81
C PHE A 318 25.80 -10.36 34.41
N GLU A 319 26.69 -10.53 35.38
CA GLU A 319 28.12 -10.43 35.15
C GLU A 319 28.65 -11.68 34.48
N ILE A 320 29.64 -11.49 33.62
CA ILE A 320 30.30 -12.59 32.91
C ILE A 320 31.61 -12.92 33.62
N ASP A 321 31.88 -14.20 33.78
CA ASP A 321 33.11 -14.67 34.41
C ASP A 321 34.18 -14.84 33.33
N TYR A 322 35.08 -13.86 33.23
CA TYR A 322 36.17 -13.94 32.26
C TYR A 322 37.35 -14.77 32.75
N GLU A 323 37.32 -15.22 34.00
CA GLU A 323 38.41 -15.97 34.61
C GLU A 323 39.73 -15.18 34.57
N SER B 3 8.53 -30.28 -29.21
CA SER B 3 8.04 -31.57 -28.74
C SER B 3 8.47 -31.82 -27.29
N MET B 4 7.50 -31.98 -26.40
CA MET B 4 7.80 -32.13 -24.98
C MET B 4 8.55 -33.43 -24.72
N GLU B 5 8.10 -34.54 -25.32
CA GLU B 5 8.75 -35.83 -25.10
C GLU B 5 10.18 -35.83 -25.65
N LYS B 6 10.38 -35.18 -26.79
CA LYS B 6 11.72 -35.17 -27.40
C LYS B 6 12.69 -34.36 -26.56
N VAL B 7 12.28 -33.19 -26.07
CA VAL B 7 13.17 -32.35 -25.29
C VAL B 7 13.52 -33.03 -23.97
N PHE B 8 12.52 -33.62 -23.31
CA PHE B 8 12.77 -34.24 -22.00
C PHE B 8 13.58 -35.53 -22.14
N ALA B 9 13.33 -36.30 -23.21
CA ALA B 9 14.09 -37.52 -23.41
C ALA B 9 15.57 -37.23 -23.61
N GLY B 10 15.88 -36.17 -24.34
CA GLY B 10 17.28 -35.77 -24.49
C GLY B 10 17.90 -35.35 -23.19
N TYR B 11 17.13 -34.67 -22.33
CA TYR B 11 17.65 -34.24 -21.04
C TYR B 11 17.94 -35.44 -20.14
N GLN B 12 17.02 -36.40 -20.07
CA GLN B 12 17.23 -37.58 -19.23
C GLN B 12 18.42 -38.40 -19.71
N ALA B 13 18.64 -38.46 -21.03
CA ALA B 13 19.80 -39.18 -21.55
C ALA B 13 21.09 -38.49 -21.16
N ARG B 14 21.14 -37.16 -21.31
CA ARG B 14 22.33 -36.43 -20.88
C ARG B 14 22.53 -36.49 -19.37
N GLN B 15 21.45 -36.66 -18.61
CA GLN B 15 21.58 -36.81 -17.17
C GLN B 15 22.28 -38.11 -16.80
N ALA B 16 22.00 -39.18 -17.55
CA ALA B 16 22.67 -40.45 -17.31
C ALA B 16 24.17 -40.35 -17.59
N VAL B 17 24.54 -39.58 -18.61
CA VAL B 17 25.96 -39.38 -18.91
C VAL B 17 26.63 -38.62 -17.78
N LEU B 18 25.96 -37.58 -17.26
CA LEU B 18 26.52 -36.82 -16.15
C LEU B 18 26.64 -37.68 -14.89
N GLU B 19 25.62 -38.51 -14.63
CA GLU B 19 25.65 -39.36 -13.44
C GLU B 19 26.78 -40.39 -13.51
N ALA B 20 26.96 -41.00 -14.69
CA ALA B 20 28.04 -41.97 -14.86
C ALA B 20 29.42 -41.33 -14.72
N SER B 21 29.55 -40.03 -14.98
CA SER B 21 30.83 -39.33 -14.86
C SER B 21 31.14 -38.89 -13.44
N ALA B 22 30.17 -38.97 -12.53
CA ALA B 22 30.36 -38.41 -11.19
C ALA B 22 31.44 -39.14 -10.41
N SER B 23 31.64 -40.44 -10.67
CA SER B 23 32.65 -41.19 -9.94
C SER B 23 34.06 -40.73 -10.25
N THR B 24 34.29 -40.09 -11.39
CA THR B 24 35.61 -39.63 -11.77
C THR B 24 35.73 -38.12 -11.95
N ASN B 25 34.63 -37.39 -11.91
CA ASN B 25 34.65 -35.93 -12.03
C ASN B 25 34.15 -35.31 -10.73
N PRO B 26 35.01 -34.68 -9.94
CA PRO B 26 34.55 -34.04 -8.69
C PRO B 26 33.69 -32.81 -8.93
N PHE B 27 33.60 -32.32 -10.15
CA PHE B 27 32.79 -31.15 -10.47
C PHE B 27 31.46 -31.54 -11.12
N ALA B 28 31.14 -32.83 -11.17
CA ALA B 28 29.92 -33.26 -11.85
C ALA B 28 28.67 -32.84 -11.09
N LYS B 29 28.76 -32.66 -9.78
CA LYS B 29 27.65 -32.17 -8.97
C LYS B 29 27.66 -30.66 -8.85
N GLY B 30 28.55 -29.98 -9.54
CA GLY B 30 28.62 -28.52 -9.48
C GLY B 30 30.02 -28.03 -9.18
N ILE B 31 30.31 -26.83 -9.67
CA ILE B 31 31.61 -26.19 -9.47
C ILE B 31 31.36 -24.73 -9.11
N ALA B 32 32.14 -24.21 -8.17
CA ALA B 32 31.98 -22.84 -7.72
C ALA B 32 33.28 -22.06 -7.88
N TRP B 33 33.14 -20.76 -8.08
CA TRP B 33 34.26 -19.83 -8.21
C TRP B 33 34.27 -18.94 -6.97
N VAL B 34 35.27 -19.09 -6.12
CA VAL B 34 35.37 -18.35 -4.88
C VAL B 34 36.77 -17.75 -4.79
N GLU B 35 36.87 -16.43 -4.91
N GLU B 35 36.86 -16.42 -4.90
CA GLU B 35 38.13 -15.71 -4.77
CA GLU B 35 38.12 -15.68 -4.80
C GLU B 35 39.20 -16.24 -5.73
C GLU B 35 39.18 -16.26 -5.73
N GLY B 36 38.80 -16.50 -6.97
CA GLY B 36 39.71 -16.99 -7.98
C GLY B 36 39.96 -18.48 -7.96
N GLU B 37 39.39 -19.21 -7.02
CA GLU B 37 39.61 -20.65 -6.89
C GLU B 37 38.37 -21.41 -7.33
N LEU B 38 38.58 -22.54 -7.99
CA LEU B 38 37.51 -23.42 -8.42
C LEU B 38 37.43 -24.59 -7.44
N VAL B 39 36.24 -24.78 -6.88
CA VAL B 39 36.01 -25.82 -5.87
C VAL B 39 34.71 -26.54 -6.21
N PRO B 40 34.58 -27.79 -5.77
CA PRO B 40 33.27 -28.45 -5.87
C PRO B 40 32.21 -27.65 -5.14
N LEU B 41 31.03 -27.58 -5.75
CA LEU B 41 29.99 -26.68 -5.26
C LEU B 41 29.65 -26.94 -3.81
N HIS B 42 29.44 -28.20 -3.44
CA HIS B 42 29.02 -28.52 -2.08
C HIS B 42 30.13 -28.35 -1.05
N GLU B 43 31.35 -28.01 -1.48
CA GLU B 43 32.44 -27.69 -0.57
C GLU B 43 32.74 -26.20 -0.51
N ALA B 44 32.07 -25.39 -1.33
CA ALA B 44 32.36 -23.97 -1.39
C ALA B 44 31.91 -23.25 -0.12
N ARG B 45 32.71 -22.28 0.30
CA ARG B 45 32.40 -21.51 1.50
C ARG B 45 32.68 -20.04 1.23
N ILE B 46 31.89 -19.18 1.89
CA ILE B 46 32.03 -17.74 1.75
C ILE B 46 32.31 -17.17 3.14
N PRO B 47 32.94 -16.00 3.21
CA PRO B 47 33.20 -15.40 4.53
C PRO B 47 31.90 -15.05 5.24
N LEU B 48 31.87 -15.35 6.54
CA LEU B 48 30.68 -15.06 7.34
C LEU B 48 30.37 -13.57 7.33
N LEU B 49 31.40 -12.73 7.30
CA LEU B 49 31.21 -11.28 7.37
C LEU B 49 30.87 -10.66 6.02
N ASP B 50 30.73 -11.46 4.96
CA ASP B 50 30.33 -10.91 3.67
C ASP B 50 28.95 -10.28 3.78
N GLN B 51 28.83 -9.04 3.30
CA GLN B 51 27.56 -8.32 3.41
C GLN B 51 26.46 -8.95 2.58
N GLY B 52 26.80 -9.81 1.62
CA GLY B 52 25.79 -10.58 0.94
C GLY B 52 25.06 -11.54 1.86
N PHE B 53 25.71 -11.94 2.95
CA PHE B 53 25.07 -12.72 4.01
C PHE B 53 24.63 -11.85 5.18
N MET B 54 25.47 -10.91 5.60
CA MET B 54 25.19 -10.11 6.80
C MET B 54 23.97 -9.22 6.60
N HIS B 55 23.72 -8.76 5.37
CA HIS B 55 22.56 -7.90 5.13
C HIS B 55 21.93 -8.16 3.76
N SER B 56 22.23 -9.30 3.14
CA SER B 56 21.72 -9.64 1.81
C SER B 56 21.95 -8.48 0.84
N ASP B 57 23.07 -7.79 1.00
CA ASP B 57 23.40 -6.62 0.19
C ASP B 57 24.09 -7.10 -1.08
N LEU B 58 23.27 -7.59 -2.01
CA LEU B 58 23.80 -8.21 -3.22
C LEU B 58 22.79 -8.09 -4.34
N THR B 59 23.26 -8.39 -5.55
CA THR B 59 22.41 -8.70 -6.68
C THR B 59 22.94 -9.97 -7.32
N TYR B 60 22.09 -10.62 -8.11
CA TYR B 60 22.49 -11.87 -8.74
C TYR B 60 21.75 -12.03 -10.06
N ASP B 61 22.15 -13.05 -10.82
CA ASP B 61 21.47 -13.39 -12.05
C ASP B 61 21.76 -14.84 -12.38
N VAL B 62 20.86 -15.43 -13.16
CA VAL B 62 20.91 -16.87 -13.43
C VAL B 62 20.72 -17.13 -14.92
N PRO B 63 21.80 -17.25 -15.68
CA PRO B 63 21.71 -17.82 -17.02
C PRO B 63 21.72 -19.35 -16.92
N SER B 64 21.61 -20.00 -18.07
CA SER B 64 21.52 -21.46 -18.09
C SER B 64 22.24 -22.02 -19.30
N VAL B 65 22.52 -23.31 -19.23
CA VAL B 65 23.06 -24.08 -20.34
C VAL B 65 22.08 -25.21 -20.63
N TRP B 66 21.81 -25.45 -21.91
CA TRP B 66 20.94 -26.54 -22.32
C TRP B 66 21.57 -27.26 -23.49
N ASP B 67 21.73 -28.58 -23.37
CA ASP B 67 22.33 -29.42 -24.41
C ASP B 67 23.71 -28.89 -24.82
N GLY B 68 24.45 -28.39 -23.84
CA GLY B 68 25.77 -27.85 -24.09
C GLY B 68 25.78 -26.49 -24.74
N ARG B 69 24.67 -25.76 -24.72
CA ARG B 69 24.57 -24.44 -25.34
C ARG B 69 24.15 -23.42 -24.29
N PHE B 70 25.00 -22.41 -24.08
CA PHE B 70 24.65 -21.30 -23.22
C PHE B 70 23.51 -20.51 -23.83
N PHE B 71 22.45 -20.29 -23.06
CA PHE B 71 21.23 -19.66 -23.57
C PHE B 71 21.17 -18.20 -23.10
N ARG B 72 21.24 -17.28 -24.06
CA ARG B 72 21.02 -15.85 -23.82
C ARG B 72 21.91 -15.32 -22.70
N LEU B 73 23.18 -15.75 -22.71
CA LEU B 73 24.09 -15.38 -21.64
C LEU B 73 24.33 -13.88 -21.59
N ASP B 74 24.38 -13.22 -22.76
CA ASP B 74 24.67 -11.80 -22.78
C ASP B 74 23.50 -10.97 -22.24
N ASP B 75 22.27 -11.48 -22.33
CA ASP B 75 21.15 -10.79 -21.71
C ASP B 75 21.27 -10.84 -20.19
N HIS B 76 21.70 -11.97 -19.64
CA HIS B 76 21.84 -12.09 -18.19
C HIS B 76 23.03 -11.28 -17.70
N LEU B 77 24.13 -11.29 -18.45
CA LEU B 77 25.30 -10.49 -18.06
C LEU B 77 24.97 -9.01 -18.10
N SER B 78 24.21 -8.56 -19.10
CA SER B 78 23.83 -7.15 -19.17
C SER B 78 22.86 -6.79 -18.05
N ARG B 79 21.90 -7.68 -17.75
CA ARG B 79 20.97 -7.40 -16.66
C ARG B 79 21.69 -7.36 -15.31
N LEU B 80 22.68 -8.23 -15.14
CA LEU B 80 23.49 -8.20 -13.92
C LEU B 80 24.23 -6.88 -13.79
N GLU B 81 24.76 -6.37 -14.91
CA GLU B 81 25.43 -5.07 -14.88
C GLU B 81 24.46 -3.94 -14.60
N ALA B 82 23.26 -4.02 -15.18
CA ALA B 82 22.24 -3.01 -14.89
C ALA B 82 21.79 -3.08 -13.44
N SER B 83 21.65 -4.31 -12.91
CA SER B 83 21.31 -4.46 -11.50
C SER B 83 22.40 -3.91 -10.60
N CYS B 84 23.67 -4.15 -10.97
CA CYS B 84 24.78 -3.66 -10.16
C CYS B 84 24.79 -2.15 -10.10
N SER B 85 24.61 -1.49 -11.25
CA SER B 85 24.62 -0.02 -11.27
C SER B 85 23.47 0.55 -10.45
N LYS B 86 22.31 -0.10 -10.46
CA LYS B 86 21.18 0.38 -9.69
C LYS B 86 21.46 0.27 -8.19
N MET B 87 22.23 -0.72 -7.77
CA MET B 87 22.59 -0.91 -6.37
C MET B 87 23.94 -0.29 -6.01
N ARG B 88 24.52 0.49 -6.93
CA ARG B 88 25.83 1.11 -6.72
C ARG B 88 26.92 0.08 -6.49
N LEU B 89 26.73 -1.11 -7.05
CA LEU B 89 27.75 -2.15 -7.12
C LEU B 89 28.42 -2.11 -8.49
N LYS B 90 29.50 -2.88 -8.61
CA LYS B 90 30.20 -3.03 -9.88
C LYS B 90 30.73 -4.45 -9.99
N LEU B 91 30.52 -5.06 -11.17
CA LEU B 91 31.07 -6.37 -11.46
C LEU B 91 32.58 -6.37 -11.20
N PRO B 92 33.08 -7.16 -10.24
CA PRO B 92 34.49 -7.05 -9.84
C PRO B 92 35.48 -7.45 -10.93
N LEU B 93 35.04 -8.11 -11.98
CA LEU B 93 35.89 -8.49 -13.10
C LEU B 93 35.33 -7.94 -14.39
N PRO B 94 36.17 -7.74 -15.42
CA PRO B 94 35.64 -7.34 -16.73
C PRO B 94 34.62 -8.34 -17.23
N ARG B 95 33.58 -7.81 -17.88
CA ARG B 95 32.47 -8.65 -18.32
C ARG B 95 32.95 -9.79 -19.21
N GLU B 96 33.90 -9.51 -20.11
CA GLU B 96 34.40 -10.55 -20.99
C GLU B 96 35.15 -11.63 -20.21
N GLU B 97 35.93 -11.22 -19.22
CA GLU B 97 36.64 -12.21 -18.39
C GLU B 97 35.65 -13.08 -17.63
N VAL B 98 34.53 -12.50 -17.18
CA VAL B 98 33.50 -13.28 -16.50
C VAL B 98 32.93 -14.34 -17.44
N LYS B 99 32.77 -13.98 -18.73
CA LYS B 99 32.21 -14.92 -19.69
C LYS B 99 33.10 -16.13 -19.89
N GLN B 100 34.41 -15.91 -20.04
CA GLN B 100 35.32 -17.04 -20.25
C GLN B 100 35.40 -17.93 -19.02
N ILE B 101 35.34 -17.34 -17.83
CA ILE B 101 35.38 -18.14 -16.60
C ILE B 101 34.15 -19.03 -16.53
N LEU B 102 32.97 -18.48 -16.82
CA LEU B 102 31.75 -19.29 -16.81
C LEU B 102 31.83 -20.42 -17.82
N VAL B 103 32.35 -20.14 -19.01
CA VAL B 103 32.46 -21.17 -20.05
C VAL B 103 33.44 -22.24 -19.61
N ASP B 104 34.59 -21.84 -19.09
CA ASP B 104 35.56 -22.82 -18.60
C ASP B 104 35.02 -23.59 -17.41
N MET B 105 34.22 -22.95 -16.57
CA MET B 105 33.60 -23.64 -15.43
C MET B 105 32.64 -24.72 -15.92
N VAL B 106 31.77 -24.38 -16.86
CA VAL B 106 30.84 -25.37 -17.41
C VAL B 106 31.60 -26.52 -18.06
N ALA B 107 32.66 -26.20 -18.80
CA ALA B 107 33.42 -27.25 -19.47
C ALA B 107 34.09 -28.19 -18.47
N LYS B 108 34.64 -27.64 -17.39
CA LYS B 108 35.28 -28.47 -16.38
C LYS B 108 34.27 -29.38 -15.69
N SER B 109 33.03 -28.90 -15.50
CA SER B 109 32.02 -29.69 -14.80
C SER B 109 31.45 -30.80 -15.67
N GLY B 110 31.52 -30.67 -17.00
CA GLY B 110 30.89 -31.63 -17.88
C GLY B 110 29.38 -31.58 -17.90
N ILE B 111 28.78 -30.60 -17.24
CA ILE B 111 27.31 -30.48 -17.18
C ILE B 111 26.81 -29.87 -18.49
N ARG B 112 25.91 -30.59 -19.16
CA ARG B 112 25.33 -30.12 -20.42
C ARG B 112 24.07 -29.29 -20.21
N ASP B 113 23.32 -29.57 -19.15
CA ASP B 113 22.12 -28.82 -18.79
C ASP B 113 22.37 -28.21 -17.41
N ALA B 114 22.72 -26.92 -17.37
CA ALA B 114 23.31 -26.31 -16.20
C ALA B 114 22.47 -25.16 -15.69
N PHE B 115 22.38 -25.08 -14.36
CA PHE B 115 21.91 -23.89 -13.65
C PHE B 115 23.15 -23.07 -13.28
N VAL B 116 23.24 -21.86 -13.82
CA VAL B 116 24.41 -21.01 -13.64
C VAL B 116 23.98 -19.78 -12.83
N GLU B 117 24.75 -19.45 -11.79
CA GLU B 117 24.43 -18.33 -10.92
C GLU B 117 25.65 -17.46 -10.70
N LEU B 118 25.46 -16.14 -10.81
CA LEU B 118 26.48 -15.15 -10.50
C LEU B 118 25.95 -14.24 -9.40
N ILE B 119 26.76 -14.00 -8.38
CA ILE B 119 26.38 -13.17 -7.24
C ILE B 119 27.41 -12.07 -7.05
N VAL B 120 26.94 -10.83 -6.97
CA VAL B 120 27.79 -9.68 -6.67
C VAL B 120 27.28 -9.06 -5.37
N THR B 121 28.10 -9.12 -4.33
CA THR B 121 27.75 -8.58 -3.02
C THR B 121 28.55 -7.31 -2.74
N ARG B 122 28.13 -6.60 -1.69
CA ARG B 122 28.78 -5.35 -1.33
C ARG B 122 30.23 -5.56 -0.91
N GLY B 123 30.52 -6.74 -0.38
CA GLY B 123 31.83 -7.08 0.09
C GLY B 123 31.88 -7.23 1.60
N LEU B 124 33.07 -7.01 2.14
CA LEU B 124 33.31 -7.18 3.57
C LEU B 124 32.95 -5.95 4.39
N LYS B 125 32.72 -4.81 3.77
CA LYS B 125 32.39 -3.57 4.47
C LYS B 125 30.94 -3.19 4.19
N GLY B 126 30.19 -2.92 5.26
CA GLY B 126 28.79 -2.59 5.12
C GLY B 126 28.57 -1.16 4.65
N VAL B 127 27.34 -0.90 4.22
CA VAL B 127 26.98 0.43 3.76
C VAL B 127 26.82 1.40 4.93
N ARG B 128 26.33 0.92 6.07
CA ARG B 128 26.05 1.79 7.20
C ARG B 128 27.31 2.48 7.68
N GLY B 129 27.23 3.80 7.82
CA GLY B 129 28.35 4.60 8.27
C GLY B 129 29.58 4.45 7.39
N SER B 130 29.42 4.70 6.09
CA SER B 130 30.50 4.51 5.15
C SER B 130 30.43 5.57 4.06
N LYS B 131 31.60 6.03 3.63
CA LYS B 131 31.69 6.88 2.45
C LYS B 131 31.76 6.01 1.20
N PRO B 132 31.35 6.55 0.04
CA PRO B 132 31.32 5.72 -1.17
C PRO B 132 32.67 5.15 -1.58
N GLU B 133 33.78 5.72 -1.10
CA GLU B 133 35.09 5.25 -1.54
C GLU B 133 35.43 3.89 -0.95
N GLU B 134 35.06 3.65 0.31
CA GLU B 134 35.35 2.37 0.96
C GLU B 134 34.31 1.30 0.64
N LEU B 135 33.48 1.52 -0.37
CA LEU B 135 32.46 0.53 -0.77
C LEU B 135 32.71 0.01 -2.18
N VAL B 136 33.96 0.07 -2.65
CA VAL B 136 34.28 -0.35 -4.02
C VAL B 136 34.83 -1.77 -4.09
N ASN B 137 35.07 -2.42 -2.95
CA ASN B 137 35.61 -3.78 -2.94
C ASN B 137 34.48 -4.82 -2.90
N ASN B 138 33.69 -4.82 -3.96
CA ASN B 138 32.59 -5.78 -4.07
C ASN B 138 33.13 -7.18 -4.34
N ASN B 139 32.37 -8.18 -3.91
CA ASN B 139 32.75 -9.58 -4.05
C ASN B 139 31.90 -10.26 -5.11
N LEU B 140 32.52 -11.21 -5.81
CA LEU B 140 31.86 -11.96 -6.88
C LEU B 140 31.89 -13.44 -6.55
N TYR B 141 30.75 -14.10 -6.69
CA TYR B 141 30.64 -15.54 -6.54
C TYR B 141 29.88 -16.10 -7.73
N MET B 142 30.39 -17.19 -8.29
CA MET B 142 29.77 -17.86 -9.43
C MET B 142 29.80 -19.36 -9.20
N PHE B 143 28.75 -20.05 -9.65
CA PHE B 143 28.77 -21.49 -9.58
C PHE B 143 27.89 -22.10 -10.67
N ILE B 144 28.29 -23.28 -11.12
CA ILE B 144 27.52 -24.10 -12.04
C ILE B 144 26.95 -25.26 -11.25
N GLN B 145 25.74 -25.68 -11.61
CA GLN B 145 25.11 -26.80 -10.95
C GLN B 145 24.10 -27.41 -11.90
N PRO B 146 23.75 -28.69 -11.72
CA PRO B 146 22.79 -29.33 -12.63
C PRO B 146 21.48 -28.55 -12.71
N TYR B 147 20.87 -28.60 -13.89
CA TYR B 147 19.65 -27.83 -14.19
C TYR B 147 18.61 -28.02 -13.08
N VAL B 148 18.04 -26.90 -12.64
CA VAL B 148 17.05 -26.87 -11.56
C VAL B 148 15.68 -26.65 -12.18
N TRP B 149 14.70 -27.44 -11.73
CA TRP B 149 13.34 -27.40 -12.26
C TRP B 149 12.41 -26.82 -11.20
N VAL B 150 11.86 -25.64 -11.48
CA VAL B 150 10.77 -25.15 -10.64
C VAL B 150 9.53 -26.03 -10.84
N MET B 151 9.39 -26.61 -12.02
CA MET B 151 8.39 -27.65 -12.30
C MET B 151 9.10 -28.82 -12.96
N GLU B 152 8.98 -30.00 -12.36
CA GLU B 152 9.61 -31.18 -12.91
C GLU B 152 9.07 -31.47 -14.31
N PRO B 153 9.89 -32.08 -15.18
CA PRO B 153 9.43 -32.35 -16.56
C PRO B 153 8.12 -33.10 -16.63
N GLU B 154 7.91 -34.11 -15.78
CA GLU B 154 6.67 -34.88 -15.85
C GLU B 154 5.45 -34.04 -15.49
N MET B 155 5.61 -33.08 -14.57
CA MET B 155 4.50 -32.21 -14.22
C MET B 155 4.18 -31.21 -15.33
N GLN B 156 5.19 -30.85 -16.14
CA GLN B 156 4.96 -29.92 -17.23
C GLN B 156 4.02 -30.50 -18.28
N ARG B 157 4.00 -31.83 -18.43
CA ARG B 157 3.12 -32.46 -19.38
C ARG B 157 1.66 -32.28 -19.01
N THR B 158 1.34 -32.21 -17.72
CA THR B 158 -0.02 -32.12 -17.24
C THR B 158 -0.37 -30.79 -16.59
N GLY B 159 0.62 -29.97 -16.25
CA GLY B 159 0.39 -28.72 -15.57
C GLY B 159 0.37 -28.86 -14.06
N GLY B 160 0.58 -27.74 -13.39
CA GLY B 160 0.63 -27.69 -11.93
C GLY B 160 -0.53 -26.95 -11.32
N SER B 161 -0.56 -26.96 -9.99
CA SER B 161 -1.60 -26.32 -9.21
C SER B 161 -1.07 -25.04 -8.59
N ALA B 162 -1.84 -23.96 -8.68
CA ALA B 162 -1.45 -22.67 -8.13
C ALA B 162 -2.56 -22.09 -7.28
N ILE B 163 -2.19 -21.13 -6.44
CA ILE B 163 -3.14 -20.36 -5.65
C ILE B 163 -2.79 -18.89 -5.75
N ILE B 164 -3.81 -18.04 -5.61
CA ILE B 164 -3.60 -16.62 -5.42
C ILE B 164 -3.33 -16.40 -3.94
N ALA B 165 -2.12 -15.95 -3.61
CA ALA B 165 -1.72 -15.80 -2.22
C ALA B 165 -2.60 -14.78 -1.51
N ARG B 166 -3.12 -15.16 -0.34
CA ARG B 166 -3.97 -14.30 0.47
C ARG B 166 -3.38 -13.92 1.82
N THR B 167 -2.27 -14.56 2.23
CA THR B 167 -1.62 -14.23 3.49
C THR B 167 -0.38 -13.37 3.30
N VAL B 168 0.02 -13.10 2.05
CA VAL B 168 1.23 -12.35 1.76
C VAL B 168 1.04 -11.65 0.42
N ARG B 169 1.66 -10.47 0.29
CA ARG B 169 1.70 -9.77 -0.98
C ARG B 169 3.14 -9.46 -1.34
N ARG B 170 3.36 -9.15 -2.62
CA ARG B 170 4.70 -8.89 -3.14
C ARG B 170 5.27 -7.62 -2.54
N VAL B 171 6.58 -7.63 -2.32
CA VAL B 171 7.33 -6.45 -1.88
C VAL B 171 7.15 -5.36 -2.93
N PRO B 172 6.66 -4.18 -2.57
CA PRO B 172 6.40 -3.13 -3.55
C PRO B 172 7.69 -2.53 -4.07
N PRO B 173 7.69 -1.99 -5.29
CA PRO B 173 8.92 -1.38 -5.83
C PRO B 173 9.43 -0.21 -5.00
N GLY B 174 8.56 0.45 -4.23
CA GLY B 174 9.02 1.53 -3.37
C GLY B 174 9.87 1.06 -2.20
N SER B 175 9.87 -0.24 -1.92
CA SER B 175 10.77 -0.83 -0.94
C SER B 175 11.99 -1.47 -1.58
N MET B 176 11.78 -2.31 -2.59
CA MET B 176 12.87 -2.94 -3.32
C MET B 176 12.49 -3.02 -4.79
N ASP B 177 13.38 -2.56 -5.65
CA ASP B 177 13.15 -2.60 -7.10
C ASP B 177 13.09 -4.04 -7.57
N PRO B 178 11.93 -4.54 -8.02
CA PRO B 178 11.87 -5.94 -8.46
C PRO B 178 12.59 -6.21 -9.77
N THR B 179 12.91 -5.18 -10.56
CA THR B 179 13.73 -5.40 -11.75
C THR B 179 15.18 -5.67 -11.40
N VAL B 180 15.59 -5.41 -10.17
CA VAL B 180 16.91 -5.76 -9.67
C VAL B 180 16.81 -7.13 -9.01
N LYS B 181 17.32 -8.16 -9.68
CA LYS B 181 17.24 -9.51 -9.15
C LYS B 181 17.98 -9.60 -7.82
N ASN B 182 17.28 -10.04 -6.78
CA ASN B 182 17.85 -10.08 -5.43
C ASN B 182 17.43 -11.37 -4.75
N LEU B 183 18.11 -11.66 -3.63
CA LEU B 183 17.89 -12.89 -2.88
C LEU B 183 17.10 -12.66 -1.60
N GLN B 184 16.47 -11.50 -1.46
CA GLN B 184 15.66 -11.21 -0.28
C GLN B 184 14.24 -11.71 -0.54
N TRP B 185 14.06 -13.01 -0.28
CA TRP B 185 12.87 -13.76 -0.68
C TRP B 185 11.84 -13.88 0.43
N GLY B 186 11.79 -12.91 1.35
CA GLY B 186 10.91 -13.03 2.50
C GLY B 186 9.46 -13.27 2.11
N ASP B 187 8.94 -12.48 1.18
CA ASP B 187 7.55 -12.66 0.76
C ASP B 187 7.38 -13.93 -0.07
N LEU B 188 8.36 -14.25 -0.94
CA LEU B 188 8.25 -15.42 -1.79
C LEU B 188 8.29 -16.70 -0.98
N THR B 189 9.12 -16.74 0.08
CA THR B 189 9.17 -17.90 0.94
C THR B 189 7.87 -18.06 1.72
N ARG B 190 7.26 -16.95 2.14
CA ARG B 190 5.96 -17.01 2.80
C ARG B 190 4.91 -17.59 1.87
N GLY B 191 4.90 -17.15 0.61
CA GLY B 191 3.92 -17.67 -0.34
C GLY B 191 4.09 -19.16 -0.60
N MET B 192 5.34 -19.63 -0.61
CA MET B 192 5.59 -21.06 -0.79
C MET B 192 5.03 -21.86 0.38
N PHE B 193 5.12 -21.30 1.59
CA PHE B 193 4.52 -21.96 2.75
C PHE B 193 3.00 -21.94 2.67
N GLU B 194 2.42 -20.82 2.21
CA GLU B 194 0.97 -20.74 2.09
C GLU B 194 0.45 -21.73 1.05
N ALA B 195 1.15 -21.84 -0.09
CA ALA B 195 0.75 -22.81 -1.10
C ALA B 195 0.76 -24.23 -0.54
N SER B 196 1.81 -24.58 0.20
CA SER B 196 1.86 -25.90 0.83
C SER B 196 0.71 -26.06 1.83
N ASP B 197 0.42 -25.02 2.61
CA ASP B 197 -0.68 -25.08 3.57
C ASP B 197 -2.01 -25.31 2.87
N ARG B 198 -2.19 -24.77 1.67
CA ARG B 198 -3.46 -24.84 0.96
C ARG B 198 -3.49 -25.96 -0.08
N GLY B 199 -2.50 -26.85 -0.07
CA GLY B 199 -2.51 -28.00 -0.96
C GLY B 199 -2.15 -27.73 -2.40
N ALA B 200 -1.47 -26.63 -2.67
CA ALA B 200 -1.01 -26.31 -4.02
C ALA B 200 0.51 -26.20 -4.01
N THR B 201 1.09 -26.00 -5.19
CA THR B 201 2.53 -25.96 -5.35
C THR B 201 3.08 -24.55 -5.58
N TYR B 202 2.38 -23.71 -6.35
CA TYR B 202 2.94 -22.43 -6.78
C TYR B 202 2.08 -21.29 -6.28
N PRO B 203 2.64 -20.32 -5.55
CA PRO B 203 1.88 -19.14 -5.14
C PRO B 203 1.99 -18.00 -6.15
N PHE B 204 0.84 -17.39 -6.43
CA PHE B 204 0.78 -16.18 -7.23
C PHE B 204 0.57 -15.00 -6.29
N LEU B 205 1.55 -14.10 -6.23
CA LEU B 205 1.50 -12.97 -5.30
C LEU B 205 0.88 -11.76 -5.98
N THR B 206 0.01 -11.06 -5.25
CA THR B 206 -0.57 -9.82 -5.72
C THR B 206 0.26 -8.63 -5.23
N ASP B 207 -0.09 -7.45 -5.72
CA ASP B 207 0.56 -6.21 -5.30
C ASP B 207 -0.17 -5.53 -4.15
N GLY B 208 -1.16 -6.21 -3.55
CA GLY B 208 -2.06 -5.62 -2.60
C GLY B 208 -3.11 -4.68 -3.17
N ASP B 209 -2.92 -4.17 -4.40
CA ASP B 209 -3.90 -3.34 -5.09
C ASP B 209 -4.81 -4.15 -6.00
N ALA B 210 -4.95 -5.46 -5.71
CA ALA B 210 -5.79 -6.39 -6.47
C ALA B 210 -5.27 -6.65 -7.87
N ASN B 211 -3.95 -6.57 -8.07
CA ASN B 211 -3.32 -6.89 -9.34
C ASN B 211 -2.29 -7.99 -9.14
N LEU B 212 -2.10 -8.79 -10.18
CA LEU B 212 -1.10 -9.85 -10.13
C LEU B 212 0.30 -9.26 -10.32
N THR B 213 1.28 -9.91 -9.70
CA THR B 213 2.68 -9.55 -9.90
C THR B 213 3.40 -10.80 -10.39
N GLU B 214 4.14 -11.50 -9.53
CA GLU B 214 4.87 -12.70 -9.90
C GLU B 214 4.76 -13.69 -8.76
N GLY B 215 5.40 -14.85 -8.93
CA GLY B 215 5.42 -15.88 -7.94
C GLY B 215 6.79 -16.06 -7.31
N SER B 216 6.97 -17.21 -6.64
CA SER B 216 8.20 -17.51 -5.93
C SER B 216 9.25 -18.00 -6.95
N GLY B 217 9.81 -17.05 -7.67
CA GLY B 217 10.84 -17.36 -8.65
C GLY B 217 10.36 -17.61 -10.05
N PHE B 218 9.30 -16.93 -10.49
CA PHE B 218 8.79 -17.10 -11.84
C PHE B 218 7.85 -15.94 -12.17
N ASN B 219 7.76 -15.63 -13.46
CA ASN B 219 6.78 -14.70 -13.98
C ASN B 219 5.46 -15.44 -14.28
N ILE B 220 4.39 -14.67 -14.37
CA ILE B 220 3.05 -15.20 -14.62
C ILE B 220 2.53 -14.64 -15.93
N VAL B 221 2.00 -15.53 -16.78
CA VAL B 221 1.39 -15.15 -18.04
C VAL B 221 0.00 -15.76 -18.11
N LEU B 222 -1.01 -14.92 -18.34
CA LEU B 222 -2.38 -15.37 -18.54
C LEU B 222 -2.71 -15.32 -20.03
N VAL B 223 -3.56 -16.25 -20.46
CA VAL B 223 -3.99 -16.36 -21.85
C VAL B 223 -5.50 -16.33 -21.89
N LYS B 224 -6.07 -15.40 -22.66
CA LYS B 224 -7.51 -15.33 -22.86
C LYS B 224 -7.79 -14.87 -24.28
N ASP B 225 -8.58 -15.66 -25.00
CA ASP B 225 -9.00 -15.35 -26.37
C ASP B 225 -7.79 -15.09 -27.28
N GLY B 226 -6.77 -15.93 -27.13
CA GLY B 226 -5.61 -15.83 -28.00
C GLY B 226 -4.66 -14.69 -27.70
N VAL B 227 -4.79 -14.03 -26.55
CA VAL B 227 -3.95 -12.89 -26.20
C VAL B 227 -3.25 -13.20 -24.89
N LEU B 228 -1.95 -12.90 -24.83
CA LEU B 228 -1.15 -13.12 -23.63
C LEU B 228 -1.15 -11.86 -22.77
N TYR B 229 -1.33 -12.05 -21.47
CA TYR B 229 -1.31 -10.96 -20.50
C TYR B 229 -0.26 -11.26 -19.44
N THR B 230 0.61 -10.29 -19.17
CA THR B 230 1.62 -10.43 -18.14
C THR B 230 1.84 -9.09 -17.47
N PRO B 231 2.04 -9.06 -16.15
CA PRO B 231 2.18 -7.77 -15.45
C PRO B 231 3.38 -6.98 -15.94
N ASP B 232 3.19 -5.65 -16.02
CA ASP B 232 4.22 -4.75 -16.52
C ASP B 232 5.04 -4.10 -15.41
N ARG B 233 4.59 -4.17 -14.16
CA ARG B 233 5.29 -3.53 -13.06
C ARG B 233 5.23 -4.42 -11.83
N GLY B 234 6.13 -4.15 -10.89
CA GLY B 234 6.20 -4.95 -9.68
C GLY B 234 6.80 -6.32 -9.84
N VAL B 235 7.41 -6.62 -11.00
CA VAL B 235 7.94 -7.94 -11.28
C VAL B 235 9.33 -7.82 -11.86
N LEU B 236 10.04 -8.94 -11.86
CA LEU B 236 11.30 -9.02 -12.58
C LEU B 236 11.03 -9.09 -14.08
N GLU B 237 11.86 -8.40 -14.86
CA GLU B 237 11.78 -8.48 -16.31
C GLU B 237 12.57 -9.72 -16.75
N GLY B 238 11.90 -10.86 -16.69
CA GLY B 238 12.58 -12.13 -16.87
C GLY B 238 13.07 -12.32 -18.30
N VAL B 239 14.24 -12.96 -18.42
CA VAL B 239 14.76 -13.29 -19.74
C VAL B 239 13.89 -14.36 -20.38
N THR B 240 13.32 -15.27 -19.58
CA THR B 240 12.37 -16.23 -20.13
C THR B 240 11.10 -15.53 -20.62
N ARG B 241 10.60 -14.57 -19.83
CA ARG B 241 9.45 -13.78 -20.26
C ARG B 241 9.76 -13.01 -21.54
N LYS B 242 10.98 -12.49 -21.66
CA LYS B 242 11.39 -11.84 -22.90
C LYS B 242 11.42 -12.84 -24.06
N SER B 243 11.82 -14.08 -23.78
CA SER B 243 11.79 -15.11 -24.80
C SER B 243 10.36 -15.47 -25.19
N VAL B 244 9.45 -15.48 -24.21
CA VAL B 244 8.04 -15.72 -24.50
C VAL B 244 7.51 -14.66 -25.46
N ILE B 245 7.85 -13.40 -25.22
CA ILE B 245 7.44 -12.33 -26.11
C ILE B 245 8.09 -12.50 -27.48
N ASP B 246 9.34 -12.95 -27.51
CA ASP B 246 10.02 -13.20 -28.78
C ASP B 246 9.27 -14.27 -29.58
N VAL B 247 8.87 -15.35 -28.93
CA VAL B 247 8.18 -16.44 -29.63
C VAL B 247 6.81 -15.98 -30.11
N ALA B 248 6.05 -15.30 -29.24
CA ALA B 248 4.74 -14.82 -29.63
C ALA B 248 4.83 -13.73 -30.70
N ARG B 249 5.92 -12.97 -30.71
CA ARG B 249 6.14 -11.99 -31.77
C ARG B 249 6.26 -12.70 -33.13
N ALA B 250 7.00 -13.81 -33.16
CA ALA B 250 7.23 -14.51 -34.42
C ALA B 250 5.97 -15.22 -34.92
N ASN B 251 5.01 -15.51 -34.06
CA ASN B 251 3.81 -16.24 -34.43
C ASN B 251 2.57 -15.36 -34.53
N GLY B 252 2.74 -14.05 -34.49
CA GLY B 252 1.59 -13.16 -34.57
C GLY B 252 0.69 -13.18 -33.36
N ILE B 253 1.20 -13.59 -32.21
CA ILE B 253 0.42 -13.60 -30.98
C ILE B 253 0.66 -12.31 -30.23
N GLU B 254 -0.42 -11.61 -29.89
CA GLU B 254 -0.32 -10.36 -29.16
C GLU B 254 0.00 -10.61 -27.70
N VAL B 255 1.03 -9.93 -27.19
CA VAL B 255 1.38 -9.97 -25.77
C VAL B 255 1.11 -8.57 -25.19
N ARG B 256 0.33 -8.52 -24.13
CA ARG B 256 -0.01 -7.27 -23.48
C ARG B 256 0.74 -7.22 -22.13
N VAL B 257 1.82 -6.45 -22.09
CA VAL B 257 2.59 -6.24 -20.88
C VAL B 257 1.98 -5.01 -20.19
N GLU B 258 1.06 -5.26 -19.28
CA GLU B 258 0.27 -4.19 -18.67
C GLU B 258 -0.12 -4.62 -17.26
N VAL B 259 -0.88 -3.75 -16.59
CA VAL B 259 -1.44 -4.11 -15.29
C VAL B 259 -2.50 -5.18 -15.49
N VAL B 260 -2.34 -6.30 -14.79
CA VAL B 260 -3.22 -7.46 -14.94
C VAL B 260 -4.00 -7.61 -13.64
N PRO B 261 -5.32 -7.43 -13.64
CA PRO B 261 -6.08 -7.59 -12.40
C PRO B 261 -6.18 -9.05 -12.00
N VAL B 262 -6.35 -9.27 -10.69
CA VAL B 262 -6.45 -10.62 -10.15
C VAL B 262 -7.62 -11.36 -10.77
N GLU B 263 -8.72 -10.66 -11.05
CA GLU B 263 -9.92 -11.30 -11.57
C GLU B 263 -9.67 -12.02 -12.88
N LEU B 264 -8.75 -11.50 -13.71
CA LEU B 264 -8.50 -12.13 -15.01
C LEU B 264 -7.94 -13.54 -14.85
N ALA B 265 -7.24 -13.81 -13.75
CA ALA B 265 -6.71 -15.15 -13.52
C ALA B 265 -7.82 -16.17 -13.36
N TYR B 266 -9.01 -15.73 -12.94
CA TYR B 266 -10.14 -16.62 -12.74
C TYR B 266 -11.04 -16.74 -13.96
N GLN B 267 -10.77 -15.98 -15.03
N GLN B 267 -10.77 -15.98 -15.03
CA GLN B 267 -11.61 -15.98 -16.22
CA GLN B 267 -11.62 -15.98 -16.22
C GLN B 267 -10.79 -16.12 -17.50
C GLN B 267 -10.85 -16.26 -17.50
N CYS B 268 -9.61 -16.72 -17.41
CA CYS B 268 -8.77 -16.90 -18.60
C CYS B 268 -8.81 -18.34 -19.07
N ASP B 269 -8.22 -18.56 -20.26
CA ASP B 269 -8.23 -19.87 -20.90
C ASP B 269 -6.98 -20.69 -20.57
N GLU B 270 -5.83 -20.06 -20.44
CA GLU B 270 -4.59 -20.76 -20.12
C GLU B 270 -3.79 -19.94 -19.12
N ILE B 271 -3.01 -20.64 -18.30
CA ILE B 271 -2.05 -20.04 -17.39
C ILE B 271 -0.75 -20.81 -17.51
N PHE B 272 0.37 -20.09 -17.51
CA PHE B 272 1.66 -20.74 -17.42
C PHE B 272 2.66 -19.80 -16.77
N MET B 273 3.67 -20.39 -16.12
CA MET B 273 4.76 -19.66 -15.49
C MET B 273 5.98 -19.75 -16.38
N CYS B 274 6.92 -18.82 -16.18
CA CYS B 274 8.15 -18.85 -16.95
C CYS B 274 9.31 -18.34 -16.10
N THR B 275 10.42 -19.06 -16.14
CA THR B 275 11.66 -18.67 -15.47
C THR B 275 12.78 -19.53 -16.04
N THR B 276 14.02 -19.08 -15.81
CA THR B 276 15.17 -19.80 -16.35
C THR B 276 15.28 -21.21 -15.75
N ALA B 277 14.93 -21.36 -14.46
CA ALA B 277 15.00 -22.65 -13.80
C ALA B 277 13.70 -23.42 -14.00
N GLY B 278 13.48 -23.84 -15.25
CA GLY B 278 12.31 -24.63 -15.57
C GLY B 278 11.75 -24.38 -16.95
N GLY B 279 11.81 -23.15 -17.43
CA GLY B 279 11.33 -22.83 -18.76
C GLY B 279 9.87 -22.41 -18.75
N ILE B 280 9.07 -23.05 -19.59
CA ILE B 280 7.64 -22.78 -19.69
C ILE B 280 6.90 -23.85 -18.91
N MET B 281 6.17 -23.43 -17.88
CA MET B 281 5.55 -24.37 -16.94
C MET B 281 4.05 -24.13 -16.86
N PRO B 282 3.22 -24.99 -17.45
CA PRO B 282 1.78 -24.74 -17.47
C PRO B 282 1.16 -24.88 -16.09
N ILE B 283 0.13 -24.08 -15.86
CA ILE B 283 -0.68 -24.13 -14.64
C ILE B 283 -2.10 -24.50 -15.05
N THR B 284 -2.55 -25.69 -14.66
CA THR B 284 -3.86 -26.18 -15.05
C THR B 284 -4.86 -26.19 -13.91
N SER B 285 -4.48 -25.69 -12.73
CA SER B 285 -5.37 -25.64 -11.59
C SER B 285 -5.07 -24.38 -10.79
N LEU B 286 -6.11 -23.65 -10.41
CA LEU B 286 -5.98 -22.40 -9.66
C LEU B 286 -6.98 -22.39 -8.52
N ASP B 287 -6.50 -22.22 -7.30
CA ASP B 287 -7.35 -22.17 -6.10
C ASP B 287 -8.19 -23.44 -5.98
N GLY B 288 -7.60 -24.58 -6.30
CA GLY B 288 -8.29 -25.85 -6.23
C GLY B 288 -9.29 -26.12 -7.33
N LYS B 289 -9.41 -25.23 -8.31
CA LYS B 289 -10.32 -25.41 -9.42
C LYS B 289 -9.54 -25.46 -10.73
N PRO B 290 -10.04 -26.20 -11.72
CA PRO B 290 -9.30 -26.31 -12.99
C PRO B 290 -9.29 -24.99 -13.74
N VAL B 291 -8.20 -24.78 -14.48
CA VAL B 291 -8.08 -23.65 -15.41
C VAL B 291 -8.64 -24.10 -16.75
N ASN B 292 -9.78 -23.52 -17.14
CA ASN B 292 -10.49 -23.91 -18.36
C ASN B 292 -10.82 -25.40 -18.33
N ASP B 293 -10.20 -26.17 -19.23
CA ASP B 293 -10.45 -27.60 -19.32
C ASP B 293 -9.48 -28.43 -18.49
N GLY B 294 -8.67 -27.79 -17.65
CA GLY B 294 -7.73 -28.52 -16.82
C GLY B 294 -6.58 -29.17 -17.55
N LYS B 295 -6.43 -28.91 -18.85
CA LYS B 295 -5.34 -29.46 -19.63
C LYS B 295 -4.38 -28.35 -20.05
N VAL B 296 -3.17 -28.75 -20.45
CA VAL B 296 -2.21 -27.79 -20.97
C VAL B 296 -2.76 -27.17 -22.25
N GLY B 297 -2.81 -25.85 -22.29
CA GLY B 297 -3.43 -25.14 -23.38
C GLY B 297 -2.64 -25.18 -24.67
N PRO B 298 -3.30 -24.86 -25.79
CA PRO B 298 -2.59 -24.90 -27.08
C PRO B 298 -1.59 -23.78 -27.26
N ILE B 299 -1.91 -22.58 -26.78
CA ILE B 299 -0.97 -21.46 -26.90
C ILE B 299 0.22 -21.68 -25.97
N THR B 300 -0.01 -22.27 -24.80
CA THR B 300 1.10 -22.64 -23.92
C THR B 300 2.06 -23.59 -24.62
N LYS B 301 1.52 -24.60 -25.32
CA LYS B 301 2.36 -25.54 -26.06
C LYS B 301 3.12 -24.83 -27.17
N LYS B 302 2.48 -23.85 -27.82
CA LYS B 302 3.14 -23.09 -28.85
C LYS B 302 4.33 -22.31 -28.29
N ILE B 303 4.11 -21.60 -27.17
CA ILE B 303 5.20 -20.92 -26.50
C ILE B 303 6.23 -21.93 -26.03
N TRP B 304 5.78 -23.06 -25.49
CA TRP B 304 6.69 -24.09 -25.00
C TRP B 304 7.63 -24.57 -26.09
N ASP B 305 7.06 -24.99 -27.23
CA ASP B 305 7.90 -25.51 -28.32
C ASP B 305 8.83 -24.44 -28.87
N GLY B 306 8.33 -23.20 -29.01
CA GLY B 306 9.18 -22.14 -29.52
C GLY B 306 10.27 -21.75 -28.57
N TYR B 307 10.00 -21.79 -27.26
CA TYR B 307 11.02 -21.43 -26.28
C TYR B 307 12.22 -22.37 -26.36
N TRP B 308 11.97 -23.68 -26.49
CA TRP B 308 13.06 -24.64 -26.50
C TRP B 308 13.77 -24.71 -27.85
N ALA B 309 13.06 -24.44 -28.94
CA ALA B 309 13.72 -24.31 -30.23
C ALA B 309 14.69 -23.13 -30.22
N MET B 310 14.40 -22.10 -29.43
CA MET B 310 15.29 -20.94 -29.33
C MET B 310 16.66 -21.32 -28.79
N HIS B 311 16.74 -22.40 -27.99
CA HIS B 311 18.00 -22.81 -27.40
C HIS B 311 19.01 -23.34 -28.42
N TYR B 312 18.57 -23.56 -29.66
CA TYR B 312 19.46 -23.95 -30.76
C TYR B 312 19.59 -22.86 -31.81
N ASP B 313 18.96 -21.71 -31.59
CA ASP B 313 19.11 -20.56 -32.46
C ASP B 313 20.46 -19.89 -32.18
N PRO B 314 21.34 -19.77 -33.18
CA PRO B 314 22.64 -19.12 -32.93
C PRO B 314 22.52 -17.66 -32.49
N ALA B 315 21.40 -17.00 -32.78
CA ALA B 315 21.22 -15.62 -32.34
C ALA B 315 20.98 -15.52 -30.84
N TYR B 316 20.55 -16.61 -30.21
CA TYR B 316 20.26 -16.61 -28.77
C TYR B 316 21.14 -17.57 -27.99
N SER B 317 22.05 -18.29 -28.64
CA SER B 317 22.82 -19.31 -27.94
C SER B 317 24.12 -19.55 -28.67
N PHE B 318 25.06 -20.20 -27.98
CA PHE B 318 26.32 -20.62 -28.58
C PHE B 318 26.76 -21.92 -27.93
N GLU B 319 27.52 -22.72 -28.68
CA GLU B 319 27.95 -24.02 -28.22
C GLU B 319 29.16 -23.90 -27.30
N ILE B 320 29.22 -24.75 -26.29
CA ILE B 320 30.35 -24.81 -25.36
C ILE B 320 31.26 -25.95 -25.77
N ASP B 321 32.56 -25.68 -25.84
CA ASP B 321 33.55 -26.69 -26.20
C ASP B 321 33.99 -27.40 -24.93
N TYR B 322 33.46 -28.61 -24.71
CA TYR B 322 33.82 -29.39 -23.54
C TYR B 322 35.14 -30.13 -23.79
N SER C 3 -33.52 -14.98 22.50
CA SER C 3 -34.80 -15.09 21.81
C SER C 3 -34.91 -14.09 20.66
N MET C 4 -34.64 -14.58 19.44
CA MET C 4 -34.77 -13.71 18.26
C MET C 4 -36.23 -13.41 17.95
N GLU C 5 -37.13 -14.34 18.25
CA GLU C 5 -38.55 -14.13 17.97
C GLU C 5 -39.11 -12.98 18.79
N LYS C 6 -38.71 -12.88 20.05
CA LYS C 6 -39.23 -11.82 20.92
C LYS C 6 -38.92 -10.43 20.35
N VAL C 7 -37.71 -10.24 19.84
CA VAL C 7 -37.32 -8.93 19.32
C VAL C 7 -38.03 -8.65 18.00
N PHE C 8 -38.01 -9.63 17.09
CA PHE C 8 -38.56 -9.39 15.75
C PHE C 8 -40.07 -9.25 15.79
N ALA C 9 -40.76 -10.04 16.62
CA ALA C 9 -42.22 -9.96 16.69
C ALA C 9 -42.67 -8.60 17.19
N GLY C 10 -42.00 -8.06 18.21
CA GLY C 10 -42.32 -6.72 18.68
C GLY C 10 -42.09 -5.68 17.60
N TYR C 11 -41.05 -5.86 16.79
CA TYR C 11 -40.80 -4.94 15.68
C TYR C 11 -41.91 -5.03 14.64
N GLN C 12 -42.41 -6.23 14.37
CA GLN C 12 -43.46 -6.39 13.36
C GLN C 12 -44.77 -5.77 13.83
N ALA C 13 -45.08 -5.89 15.12
CA ALA C 13 -46.30 -5.27 15.64
C ALA C 13 -46.25 -3.76 15.51
N ARG C 14 -45.10 -3.16 15.82
CA ARG C 14 -44.97 -1.71 15.67
C ARG C 14 -44.97 -1.30 14.20
N GLN C 15 -44.48 -2.17 13.32
CA GLN C 15 -44.53 -1.87 11.88
C GLN C 15 -45.97 -1.80 11.40
N ALA C 16 -46.83 -2.71 11.88
CA ALA C 16 -48.23 -2.69 11.48
C ALA C 16 -48.93 -1.43 11.96
N VAL C 17 -48.59 -0.96 13.16
CA VAL C 17 -49.18 0.26 13.68
C VAL C 17 -48.73 1.47 12.87
N LEU C 18 -47.44 1.52 12.53
CA LEU C 18 -46.94 2.64 11.73
C LEU C 18 -47.54 2.65 10.33
N GLU C 19 -47.76 1.46 9.76
CA GLU C 19 -48.33 1.38 8.41
C GLU C 19 -49.77 1.89 8.40
N ALA C 20 -50.56 1.53 9.40
CA ALA C 20 -51.94 2.00 9.47
C ALA C 20 -52.03 3.52 9.63
N SER C 21 -50.97 4.16 10.14
CA SER C 21 -50.95 5.60 10.30
C SER C 21 -50.46 6.33 9.06
N ALA C 22 -49.97 5.61 8.05
CA ALA C 22 -49.41 6.26 6.88
C ALA C 22 -50.47 7.05 6.10
N SER C 23 -51.73 6.64 6.21
CA SER C 23 -52.79 7.36 5.50
C SER C 23 -52.98 8.76 6.07
N THR C 24 -52.82 8.92 7.38
CA THR C 24 -53.04 10.20 8.03
C THR C 24 -51.77 10.95 8.36
N ASN C 25 -50.63 10.25 8.40
CA ASN C 25 -49.36 10.89 8.77
C ASN C 25 -48.47 11.03 7.54
N PRO C 26 -48.20 12.25 7.08
CA PRO C 26 -47.26 12.41 5.95
C PRO C 26 -45.81 12.19 6.33
N PHE C 27 -45.50 11.98 7.61
CA PHE C 27 -44.15 11.72 8.06
C PHE C 27 -43.91 10.26 8.41
N ALA C 28 -44.90 9.39 8.17
CA ALA C 28 -44.74 7.98 8.50
C ALA C 28 -43.64 7.34 7.67
N LYS C 29 -43.43 7.81 6.45
CA LYS C 29 -42.36 7.32 5.58
C LYS C 29 -41.04 8.05 5.81
N GLY C 30 -40.97 8.91 6.82
CA GLY C 30 -39.76 9.64 7.10
C GLY C 30 -39.94 11.15 7.13
N ILE C 31 -39.07 11.83 7.87
CA ILE C 31 -39.12 13.28 8.00
C ILE C 31 -37.70 13.82 7.93
N ALA C 32 -37.51 14.94 7.24
CA ALA C 32 -36.20 15.53 7.03
C ALA C 32 -36.16 16.96 7.54
N TRP C 33 -34.99 17.36 8.04
CA TRP C 33 -34.73 18.71 8.52
C TRP C 33 -33.82 19.41 7.52
N VAL C 34 -34.35 20.40 6.82
CA VAL C 34 -33.62 21.14 5.80
C VAL C 34 -33.78 22.63 6.09
N GLU C 35 -32.69 23.27 6.52
CA GLU C 35 -32.66 24.71 6.78
C GLU C 35 -33.78 25.14 7.73
N GLY C 36 -33.89 24.43 8.85
CA GLY C 36 -34.89 24.74 9.86
C GLY C 36 -36.29 24.29 9.53
N GLU C 37 -36.53 23.73 8.35
CA GLU C 37 -37.86 23.31 7.92
C GLU C 37 -37.96 21.80 7.98
N LEU C 38 -39.11 21.31 8.43
CA LEU C 38 -39.41 19.88 8.47
C LEU C 38 -40.29 19.53 7.28
N VAL C 39 -39.84 18.59 6.46
CA VAL C 39 -40.58 18.17 5.28
C VAL C 39 -40.61 16.65 5.23
N PRO C 40 -41.57 16.07 4.49
CA PRO C 40 -41.51 14.63 4.22
C PRO C 40 -40.19 14.26 3.56
N LEU C 41 -39.65 13.12 3.97
CA LEU C 41 -38.29 12.76 3.59
C LEU C 41 -38.14 12.65 2.07
N HIS C 42 -39.13 12.08 1.40
CA HIS C 42 -39.05 11.89 -0.04
C HIS C 42 -39.31 13.17 -0.84
N GLU C 43 -39.71 14.25 -0.18
CA GLU C 43 -39.83 15.56 -0.81
C GLU C 43 -38.62 16.45 -0.53
N ALA C 44 -37.68 15.99 0.28
CA ALA C 44 -36.57 16.84 0.70
C ALA C 44 -35.61 17.10 -0.45
N ARG C 45 -35.20 18.36 -0.59
CA ARG C 45 -34.25 18.77 -1.61
C ARG C 45 -33.10 19.52 -0.96
N ILE C 46 -31.93 19.45 -1.58
CA ILE C 46 -30.75 20.17 -1.10
C ILE C 46 -30.19 20.99 -2.25
N PRO C 47 -29.46 22.08 -1.95
CA PRO C 47 -28.86 22.87 -3.03
C PRO C 47 -27.86 22.06 -3.82
N LEU C 48 -27.93 22.19 -5.15
CA LEU C 48 -27.01 21.46 -6.03
C LEU C 48 -25.57 21.85 -5.74
N LEU C 49 -25.33 23.13 -5.45
CA LEU C 49 -23.98 23.63 -5.23
C LEU C 49 -23.43 23.31 -3.85
N ASP C 50 -24.18 22.58 -3.02
CA ASP C 50 -23.66 22.17 -1.72
C ASP C 50 -22.44 21.27 -1.92
N GLN C 51 -21.35 21.62 -1.23
CA GLN C 51 -20.10 20.87 -1.38
C GLN C 51 -20.21 19.44 -0.89
N GLY C 52 -21.22 19.13 -0.07
CA GLY C 52 -21.48 17.75 0.28
C GLY C 52 -21.87 16.90 -0.91
N PHE C 53 -22.40 17.53 -1.96
CA PHE C 53 -22.67 16.88 -3.23
C PHE C 53 -21.61 17.15 -4.28
N MET C 54 -21.13 18.40 -4.35
CA MET C 54 -20.15 18.79 -5.37
C MET C 54 -18.81 18.10 -5.16
N HIS C 55 -18.45 17.80 -3.91
CA HIS C 55 -17.18 17.12 -3.67
C HIS C 55 -17.26 16.12 -2.51
N SER C 56 -18.46 15.68 -2.11
CA SER C 56 -18.65 14.79 -0.96
C SER C 56 -17.84 15.26 0.25
N ASP C 57 -17.79 16.58 0.42
CA ASP C 57 -17.02 17.21 1.50
C ASP C 57 -17.92 17.27 2.73
N LEU C 58 -18.03 16.14 3.42
CA LEU C 58 -18.96 16.03 4.53
C LEU C 58 -18.53 14.90 5.44
N THR C 59 -19.05 14.93 6.67
CA THR C 59 -19.07 13.78 7.55
C THR C 59 -20.51 13.55 7.99
N TYR C 60 -20.78 12.36 8.49
CA TYR C 60 -22.13 12.03 8.91
C TYR C 60 -22.06 11.00 10.02
N ASP C 61 -23.23 10.75 10.63
CA ASP C 61 -23.34 9.72 11.65
C ASP C 61 -24.79 9.23 11.70
N VAL C 62 -24.96 8.00 12.15
CA VAL C 62 -26.27 7.35 12.12
C VAL C 62 -26.58 6.74 13.49
N PRO C 63 -27.32 7.44 14.34
CA PRO C 63 -27.89 6.79 15.53
C PRO C 63 -29.17 6.06 15.17
N SER C 64 -29.88 5.53 16.15
CA SER C 64 -31.08 4.75 15.86
C SER C 64 -32.05 4.83 17.02
N VAL C 65 -33.31 4.51 16.70
CA VAL C 65 -34.37 4.38 17.69
C VAL C 65 -34.92 2.97 17.60
N TRP C 66 -35.10 2.33 18.75
CA TRP C 66 -35.68 0.99 18.82
C TRP C 66 -36.73 0.96 19.91
N ASP C 67 -37.94 0.53 19.55
CA ASP C 67 -39.06 0.43 20.50
C ASP C 67 -39.29 1.76 21.21
N GLY C 68 -39.17 2.86 20.46
CA GLY C 68 -39.37 4.17 21.03
C GLY C 68 -38.25 4.65 21.94
N ARG C 69 -37.07 4.06 21.84
CA ARG C 69 -35.95 4.42 22.70
C ARG C 69 -34.74 4.75 21.83
N PHE C 70 -34.23 5.97 21.96
CA PHE C 70 -32.97 6.32 21.31
C PHE C 70 -31.83 5.49 21.90
N PHE C 71 -31.01 4.92 21.02
CA PHE C 71 -29.94 4.02 21.43
C PHE C 71 -28.59 4.72 21.29
N ARG C 72 -27.93 4.99 22.42
CA ARG C 72 -26.56 5.52 22.45
C ARG C 72 -26.43 6.79 21.62
N LEU C 73 -27.44 7.66 21.70
CA LEU C 73 -27.45 8.85 20.85
C LEU C 73 -26.26 9.76 21.15
N ASP C 74 -25.94 9.97 22.42
CA ASP C 74 -24.84 10.87 22.76
C ASP C 74 -23.49 10.31 22.31
N ASP C 75 -23.37 8.98 22.20
CA ASP C 75 -22.16 8.41 21.64
C ASP C 75 -22.03 8.76 20.16
N HIS C 76 -23.16 8.75 19.44
CA HIS C 76 -23.12 9.10 18.02
C HIS C 76 -22.90 10.60 17.83
N LEU C 77 -23.51 11.42 18.68
CA LEU C 77 -23.30 12.86 18.59
C LEU C 77 -21.87 13.23 18.93
N SER C 78 -21.26 12.55 19.91
CA SER C 78 -19.87 12.81 20.24
C SER C 78 -18.95 12.40 19.11
N ARG C 79 -19.21 11.24 18.49
CA ARG C 79 -18.40 10.83 17.34
C ARG C 79 -18.59 11.79 16.17
N LEU C 80 -19.82 12.29 15.99
CA LEU C 80 -20.06 13.27 14.94
C LEU C 80 -19.25 14.54 15.18
N GLU C 81 -19.18 14.99 16.44
CA GLU C 81 -18.38 16.17 16.76
C GLU C 81 -16.90 15.92 16.54
N ALA C 82 -16.42 14.73 16.94
CA ALA C 82 -15.02 14.38 16.70
C ALA C 82 -14.73 14.27 15.21
N SER C 83 -15.69 13.76 14.43
CA SER C 83 -15.50 13.69 12.99
C SER C 83 -15.44 15.07 12.37
N CYS C 84 -16.30 15.99 12.83
CA CYS C 84 -16.29 17.35 12.32
C CYS C 84 -14.96 18.03 12.60
N SER C 85 -14.44 17.88 13.82
CA SER C 85 -13.19 18.52 14.18
C SER C 85 -12.03 18.00 13.32
N LYS C 86 -12.00 16.69 13.06
CA LYS C 86 -10.94 16.13 12.23
C LYS C 86 -10.99 16.69 10.81
N MET C 87 -12.19 16.99 10.32
CA MET C 87 -12.36 17.53 8.97
C MET C 87 -12.42 19.04 8.95
N ARG C 88 -12.11 19.69 10.08
CA ARG C 88 -12.19 21.15 10.20
C ARG C 88 -13.60 21.68 9.94
N LEU C 89 -14.59 20.85 10.23
CA LEU C 89 -15.99 21.26 10.22
C LEU C 89 -16.46 21.56 11.63
N LYS C 90 -17.69 22.05 11.73
CA LYS C 90 -18.30 22.32 13.02
C LYS C 90 -19.81 22.12 12.92
N LEU C 91 -20.36 21.37 13.87
CA LEU C 91 -21.79 21.18 13.96
C LEU C 91 -22.51 22.54 13.97
N PRO C 92 -23.33 22.84 12.96
CA PRO C 92 -23.87 24.21 12.82
C PRO C 92 -24.84 24.62 13.92
N LEU C 93 -25.22 23.72 14.81
CA LEU C 93 -26.10 24.02 15.93
C LEU C 93 -25.50 23.44 17.20
N PRO C 94 -25.83 23.99 18.36
CA PRO C 94 -25.43 23.35 19.62
C PRO C 94 -25.97 21.93 19.69
N ARG C 95 -25.13 21.02 20.15
CA ARG C 95 -25.51 19.61 20.15
C ARG C 95 -26.71 19.31 21.02
N GLU C 96 -26.99 20.16 22.02
CA GLU C 96 -28.20 19.99 22.80
C GLU C 96 -29.44 20.37 22.01
N GLU C 97 -29.35 21.41 21.18
CA GLU C 97 -30.45 21.75 20.29
C GLU C 97 -30.63 20.69 19.21
N VAL C 98 -29.52 20.16 18.69
CA VAL C 98 -29.60 19.09 17.71
C VAL C 98 -30.31 17.88 18.29
N LYS C 99 -29.96 17.51 19.53
CA LYS C 99 -30.64 16.41 20.20
C LYS C 99 -32.12 16.69 20.36
N GLN C 100 -32.48 17.92 20.73
CA GLN C 100 -33.89 18.27 20.88
C GLN C 100 -34.63 18.17 19.56
N ILE C 101 -33.98 18.60 18.47
CA ILE C 101 -34.63 18.54 17.16
C ILE C 101 -34.85 17.09 16.75
N LEU C 102 -33.84 16.24 16.93
CA LEU C 102 -33.96 14.83 16.55
C LEU C 102 -35.11 14.16 17.28
N VAL C 103 -35.25 14.40 18.59
CA VAL C 103 -36.33 13.81 19.36
C VAL C 103 -37.68 14.32 18.84
N ASP C 104 -37.76 15.62 18.51
CA ASP C 104 -39.00 16.17 18.01
C ASP C 104 -39.38 15.57 16.66
N MET C 105 -38.38 15.31 15.80
CA MET C 105 -38.68 14.72 14.50
C MET C 105 -39.15 13.28 14.63
N VAL C 106 -38.58 12.53 15.58
CA VAL C 106 -39.00 11.14 15.79
C VAL C 106 -40.43 11.12 16.33
N ALA C 107 -40.72 11.96 17.31
CA ALA C 107 -42.07 12.01 17.88
C ALA C 107 -43.08 12.47 16.84
N LYS C 108 -42.70 13.44 15.99
CA LYS C 108 -43.61 13.91 14.95
C LYS C 108 -43.85 12.85 13.88
N SER C 109 -42.87 11.99 13.63
CA SER C 109 -43.02 10.95 12.63
C SER C 109 -43.82 9.75 13.13
N GLY C 110 -43.86 9.52 14.45
CA GLY C 110 -44.50 8.33 14.98
C GLY C 110 -43.73 7.05 14.79
N ILE C 111 -42.53 7.10 14.23
CA ILE C 111 -41.72 5.91 13.96
C ILE C 111 -41.11 5.44 15.27
N ARG C 112 -41.37 4.20 15.64
CA ARG C 112 -40.83 3.62 16.86
C ARG C 112 -39.49 2.94 16.65
N ASP C 113 -39.23 2.42 15.45
CA ASP C 113 -37.95 1.82 15.10
C ASP C 113 -37.42 2.60 13.91
N ALA C 114 -36.41 3.44 14.14
CA ALA C 114 -36.05 4.48 13.19
C ALA C 114 -34.58 4.42 12.82
N PHE C 115 -34.30 4.74 11.57
CA PHE C 115 -32.96 5.03 11.08
C PHE C 115 -32.79 6.54 11.11
N VAL C 116 -31.79 7.02 11.85
CA VAL C 116 -31.56 8.45 12.03
C VAL C 116 -30.21 8.80 11.41
N GLU C 117 -30.19 9.84 10.60
CA GLU C 117 -28.97 10.26 9.91
C GLU C 117 -28.77 11.76 10.08
N LEU C 118 -27.56 12.16 10.46
CA LEU C 118 -27.16 13.55 10.51
C LEU C 118 -25.97 13.76 9.59
N ILE C 119 -26.01 14.81 8.78
CA ILE C 119 -24.96 15.10 7.81
C ILE C 119 -24.50 16.53 8.00
N VAL C 120 -23.19 16.73 8.10
CA VAL C 120 -22.57 18.04 8.19
C VAL C 120 -21.65 18.20 6.99
N THR C 121 -21.95 19.17 6.12
CA THR C 121 -21.17 19.40 4.92
C THR C 121 -20.40 20.71 5.03
N ARG C 122 -19.42 20.88 4.13
CA ARG C 122 -18.60 22.08 4.13
C ARG C 122 -19.43 23.34 3.90
N GLY C 123 -20.52 23.23 3.14
CA GLY C 123 -21.37 24.36 2.85
C GLY C 123 -21.39 24.68 1.36
N LEU C 124 -21.64 25.94 1.04
CA LEU C 124 -21.72 26.38 -0.34
C LEU C 124 -20.37 26.79 -0.93
N LYS C 125 -19.39 27.10 -0.09
CA LYS C 125 -18.07 27.52 -0.56
C LYS C 125 -17.10 26.34 -0.47
N GLY C 126 -16.40 26.07 -1.58
CA GLY C 126 -15.47 24.97 -1.61
C GLY C 126 -14.14 25.29 -0.95
N VAL C 127 -13.42 24.21 -0.60
CA VAL C 127 -12.13 24.37 0.07
C VAL C 127 -11.10 24.94 -0.88
N ARG C 128 -11.17 24.61 -2.16
CA ARG C 128 -10.15 25.01 -3.13
C ARG C 128 -10.03 26.53 -3.20
N GLY C 129 -8.83 27.03 -2.90
CA GLY C 129 -8.57 28.46 -2.96
C GLY C 129 -9.39 29.28 -1.98
N SER C 130 -9.35 28.90 -0.71
CA SER C 130 -10.16 29.56 0.30
C SER C 130 -9.36 29.73 1.58
N LYS C 131 -9.59 30.85 2.26
CA LYS C 131 -9.04 31.09 3.59
C LYS C 131 -9.90 30.35 4.61
N PRO C 132 -9.36 30.10 5.82
CA PRO C 132 -10.19 29.50 6.86
C PRO C 132 -11.47 30.26 7.19
N GLU C 133 -11.47 31.59 7.08
CA GLU C 133 -12.68 32.36 7.41
C GLU C 133 -13.85 31.99 6.52
N GLU C 134 -13.62 31.88 5.21
CA GLU C 134 -14.72 31.68 4.28
C GLU C 134 -15.26 30.26 4.27
N LEU C 135 -14.76 29.38 5.15
CA LEU C 135 -15.20 27.98 5.19
C LEU C 135 -15.85 27.64 6.53
N VAL C 136 -16.49 28.60 7.16
CA VAL C 136 -17.10 28.38 8.48
C VAL C 136 -18.62 28.23 8.41
N ASN C 137 -19.24 28.47 7.26
CA ASN C 137 -20.69 28.33 7.13
C ASN C 137 -21.04 26.92 6.67
N ASN C 138 -20.93 25.98 7.61
CA ASN C 138 -21.23 24.59 7.33
C ASN C 138 -22.75 24.36 7.31
N ASN C 139 -23.16 23.36 6.55
CA ASN C 139 -24.57 23.00 6.40
C ASN C 139 -24.87 21.73 7.17
N LEU C 140 -26.08 21.66 7.72
CA LEU C 140 -26.53 20.52 8.51
C LEU C 140 -27.80 19.95 7.91
N TYR C 141 -27.81 18.65 7.67
CA TYR C 141 -28.99 17.94 7.21
C TYR C 141 -29.25 16.77 8.15
N MET C 142 -30.52 16.58 8.51
CA MET C 142 -30.93 15.49 9.37
C MET C 142 -32.23 14.91 8.85
N PHE C 143 -32.39 13.59 8.96
CA PHE C 143 -33.66 12.99 8.61
C PHE C 143 -33.86 11.70 9.40
N ILE C 144 -35.12 11.40 9.66
CA ILE C 144 -35.56 10.15 10.28
C ILE C 144 -36.27 9.33 9.22
N GLN C 145 -36.18 8.00 9.36
CA GLN C 145 -36.83 7.11 8.42
C GLN C 145 -36.95 5.74 9.08
N PRO C 146 -37.88 4.89 8.61
CA PRO C 146 -38.03 3.56 9.21
C PRO C 146 -36.72 2.79 9.24
N TYR C 147 -36.58 1.95 10.28
CA TYR C 147 -35.35 1.20 10.52
C TYR C 147 -34.91 0.45 9.27
N VAL C 148 -33.61 0.54 8.97
CA VAL C 148 -33.01 -0.07 7.79
C VAL C 148 -32.24 -1.30 8.24
N TRP C 149 -32.41 -2.41 7.52
CA TRP C 149 -31.76 -3.68 7.83
C TRP C 149 -30.71 -3.96 6.78
N VAL C 150 -29.42 -3.94 7.17
CA VAL C 150 -28.39 -4.42 6.28
C VAL C 150 -28.51 -5.93 6.09
N MET C 151 -28.97 -6.64 7.12
CA MET C 151 -29.40 -8.02 7.01
C MET C 151 -30.83 -8.12 7.52
N GLU C 152 -31.72 -8.67 6.69
CA GLU C 152 -33.12 -8.78 7.07
C GLU C 152 -33.28 -9.66 8.30
N PRO C 153 -34.34 -9.45 9.09
CA PRO C 153 -34.53 -10.26 10.30
C PRO C 153 -34.58 -11.76 10.02
N GLU C 154 -35.23 -12.17 8.94
CA GLU C 154 -35.29 -13.59 8.60
C GLU C 154 -33.90 -14.13 8.28
N MET C 155 -33.08 -13.34 7.59
CA MET C 155 -31.73 -13.80 7.24
C MET C 155 -30.82 -13.85 8.47
N GLN C 156 -31.11 -13.05 9.50
CA GLN C 156 -30.33 -13.10 10.72
C GLN C 156 -30.51 -14.43 11.46
N ARG C 157 -31.60 -15.14 11.20
CA ARG C 157 -31.83 -16.43 11.86
C ARG C 157 -30.90 -17.51 11.32
N THR C 158 -30.58 -17.47 10.03
CA THR C 158 -29.71 -18.46 9.40
C THR C 158 -28.35 -17.91 9.02
N GLY C 159 -28.12 -16.60 9.14
CA GLY C 159 -26.88 -16.00 8.72
C GLY C 159 -26.81 -15.79 7.22
N GLY C 160 -25.91 -14.89 6.82
CA GLY C 160 -25.74 -14.53 5.43
C GLY C 160 -24.45 -15.07 4.84
N SER C 161 -24.30 -14.82 3.54
CA SER C 161 -23.12 -15.25 2.80
C SER C 161 -22.21 -14.04 2.53
N ALA C 162 -20.91 -14.25 2.68
CA ALA C 162 -19.93 -13.20 2.47
C ALA C 162 -18.82 -13.71 1.57
N ILE C 163 -18.05 -12.76 1.03
CA ILE C 163 -16.85 -13.07 0.27
C ILE C 163 -15.74 -12.13 0.72
N ILE C 164 -14.51 -12.62 0.65
CA ILE C 164 -13.34 -11.76 0.77
C ILE C 164 -13.11 -11.13 -0.60
N ALA C 165 -13.27 -9.81 -0.67
CA ALA C 165 -13.19 -9.11 -1.94
C ALA C 165 -11.78 -9.24 -2.53
N ARG C 166 -11.72 -9.58 -3.82
CA ARG C 166 -10.45 -9.75 -4.52
C ARG C 166 -10.23 -8.74 -5.63
N THR C 167 -11.25 -7.98 -6.02
CA THR C 167 -11.12 -6.95 -7.05
C THR C 167 -11.06 -5.54 -6.49
N VAL C 168 -11.17 -5.40 -5.17
CA VAL C 168 -11.21 -4.08 -4.55
C VAL C 168 -10.63 -4.21 -3.14
N ARG C 169 -10.05 -3.11 -2.65
CA ARG C 169 -9.49 -3.03 -1.32
C ARG C 169 -9.95 -1.75 -0.65
N ARG C 170 -9.95 -1.77 0.68
CA ARG C 170 -10.44 -0.62 1.45
C ARG C 170 -9.56 0.60 1.22
N VAL C 171 -10.18 1.77 1.19
CA VAL C 171 -9.42 3.02 1.09
C VAL C 171 -8.50 3.14 2.29
N PRO C 172 -7.20 3.35 2.11
CA PRO C 172 -6.29 3.35 3.26
C PRO C 172 -6.45 4.61 4.08
N PRO C 173 -6.12 4.57 5.38
CA PRO C 173 -6.27 5.78 6.21
C PRO C 173 -5.42 6.94 5.76
N GLY C 174 -4.32 6.68 5.05
CA GLY C 174 -3.50 7.76 4.53
C GLY C 174 -4.16 8.52 3.41
N SER C 175 -5.23 7.98 2.84
CA SER C 175 -6.06 8.70 1.89
C SER C 175 -7.27 9.34 2.55
N MET C 176 -8.06 8.56 3.29
CA MET C 176 -9.22 9.04 4.00
C MET C 176 -9.27 8.36 5.36
N ASP C 177 -9.47 9.14 6.42
CA ASP C 177 -9.56 8.60 7.76
C ASP C 177 -10.82 7.76 7.92
N PRO C 178 -10.71 6.44 8.07
CA PRO C 178 -11.93 5.63 8.21
C PRO C 178 -12.67 5.85 9.52
N THR C 179 -12.01 6.39 10.55
CA THR C 179 -12.71 6.73 11.77
C THR C 179 -13.62 7.96 11.61
N VAL C 180 -13.44 8.71 10.53
CA VAL C 180 -14.34 9.82 10.18
C VAL C 180 -15.39 9.26 9.23
N LYS C 181 -16.58 8.99 9.77
CA LYS C 181 -17.66 8.43 8.97
C LYS C 181 -17.96 9.34 7.77
N ASN C 182 -17.88 8.78 6.58
CA ASN C 182 -18.02 9.55 5.35
C ASN C 182 -18.87 8.79 4.36
N LEU C 183 -19.36 9.50 3.34
CA LEU C 183 -20.21 8.93 2.31
C LEU C 183 -19.47 8.70 1.00
N GLN C 184 -18.13 8.69 1.04
CA GLN C 184 -17.32 8.42 -0.15
C GLN C 184 -17.15 6.90 -0.26
N TRP C 185 -18.21 6.25 -0.74
CA TRP C 185 -18.31 4.80 -0.74
C TRP C 185 -17.78 4.16 -2.02
N GLY C 186 -16.76 4.76 -2.64
CA GLY C 186 -16.28 4.24 -3.92
C GLY C 186 -15.83 2.79 -3.84
N ASP C 187 -15.02 2.46 -2.83
CA ASP C 187 -14.54 1.09 -2.69
C ASP C 187 -15.64 0.16 -2.20
N LEU C 188 -16.49 0.64 -1.28
CA LEU C 188 -17.55 -0.20 -0.74
C LEU C 188 -18.59 -0.53 -1.80
N THR C 189 -18.89 0.42 -2.68
CA THR C 189 -19.81 0.14 -3.77
C THR C 189 -19.23 -0.88 -4.74
N ARG C 190 -17.93 -0.78 -5.04
CA ARG C 190 -17.28 -1.79 -5.86
C ARG C 190 -17.35 -3.16 -5.21
N GLY C 191 -17.13 -3.23 -3.90
CA GLY C 191 -17.22 -4.50 -3.20
C GLY C 191 -18.62 -5.09 -3.28
N MET C 192 -19.64 -4.24 -3.16
CA MET C 192 -21.01 -4.73 -3.27
C MET C 192 -21.30 -5.30 -4.65
N PHE C 193 -20.68 -4.72 -5.69
CA PHE C 193 -20.85 -5.27 -7.04
C PHE C 193 -20.12 -6.60 -7.19
N GLU C 194 -18.92 -6.70 -6.60
CA GLU C 194 -18.18 -7.96 -6.67
C GLU C 194 -18.92 -9.07 -5.93
N ALA C 195 -19.49 -8.77 -4.76
CA ALA C 195 -20.26 -9.77 -4.04
C ALA C 195 -21.45 -10.24 -4.88
N SER C 196 -22.14 -9.32 -5.54
CA SER C 196 -23.24 -9.70 -6.42
C SER C 196 -22.74 -10.54 -7.60
N ASP C 197 -21.58 -10.17 -8.15
CA ASP C 197 -21.02 -10.93 -9.27
C ASP C 197 -20.67 -12.36 -8.84
N ARG C 198 -20.25 -12.56 -7.60
CA ARG C 198 -19.80 -13.86 -7.12
C ARG C 198 -20.88 -14.61 -6.35
N GLY C 199 -22.12 -14.14 -6.39
CA GLY C 199 -23.21 -14.86 -5.75
C GLY C 199 -23.28 -14.75 -4.25
N ALA C 200 -22.67 -13.71 -3.67
CA ALA C 200 -22.71 -13.47 -2.24
C ALA C 200 -23.39 -12.14 -1.95
N THR C 201 -23.72 -11.92 -0.69
CA THR C 201 -24.44 -10.71 -0.29
C THR C 201 -23.53 -9.62 0.28
N TYR C 202 -22.52 -10.00 1.06
CA TYR C 202 -21.74 -9.03 1.81
C TYR C 202 -20.26 -9.12 1.44
N PRO C 203 -19.63 -8.01 1.07
CA PRO C 203 -18.19 -8.05 0.79
C PRO C 203 -17.35 -7.72 2.00
N PHE C 204 -16.29 -8.49 2.23
CA PHE C 204 -15.29 -8.20 3.25
C PHE C 204 -14.06 -7.63 2.54
N LEU C 205 -13.73 -6.38 2.83
CA LEU C 205 -12.62 -5.71 2.17
C LEU C 205 -11.35 -5.84 3.00
N THR C 206 -10.23 -6.08 2.31
CA THR C 206 -8.93 -6.14 2.94
C THR C 206 -8.24 -4.78 2.84
N ASP C 207 -7.16 -4.64 3.61
CA ASP C 207 -6.35 -3.42 3.60
C ASP C 207 -5.28 -3.42 2.53
N GLY C 208 -5.29 -4.42 1.64
CA GLY C 208 -4.22 -4.58 0.68
C GLY C 208 -2.96 -5.20 1.25
N ASP C 209 -2.86 -5.37 2.56
CA ASP C 209 -1.72 -6.01 3.20
C ASP C 209 -2.09 -7.35 3.84
N ALA C 210 -3.07 -8.04 3.25
CA ALA C 210 -3.53 -9.35 3.70
C ALA C 210 -4.16 -9.30 5.10
N ASN C 211 -4.76 -8.17 5.46
CA ASN C 211 -5.48 -8.02 6.71
C ASN C 211 -6.93 -7.62 6.44
N LEU C 212 -7.82 -8.02 7.33
CA LEU C 212 -9.21 -7.63 7.22
C LEU C 212 -9.42 -6.20 7.70
N THR C 213 -10.40 -5.51 7.10
CA THR C 213 -10.82 -4.20 7.57
C THR C 213 -12.31 -4.28 7.88
N GLU C 214 -13.16 -3.77 6.99
CA GLU C 214 -14.59 -3.75 7.20
C GLU C 214 -15.27 -4.01 5.87
N GLY C 215 -16.60 -3.95 5.88
CA GLY C 215 -17.37 -4.16 4.66
C GLY C 215 -18.16 -2.95 4.23
N SER C 216 -19.17 -3.17 3.38
CA SER C 216 -20.00 -2.09 2.85
C SER C 216 -21.04 -1.70 3.90
N GLY C 217 -20.58 -0.96 4.90
CA GLY C 217 -21.43 -0.45 5.96
C GLY C 217 -21.53 -1.30 7.20
N PHE C 218 -20.47 -1.99 7.61
CA PHE C 218 -20.51 -2.82 8.79
C PHE C 218 -19.09 -3.15 9.21
N ASN C 219 -18.90 -3.39 10.51
CA ASN C 219 -17.66 -3.92 11.03
C ASN C 219 -17.69 -5.45 10.97
N ILE C 220 -16.50 -6.05 11.07
CA ILE C 220 -16.35 -7.50 10.95
C ILE C 220 -15.77 -8.03 12.26
N VAL C 221 -16.38 -9.09 12.78
CA VAL C 221 -15.92 -9.74 14.01
C VAL C 221 -15.76 -11.23 13.73
N LEU C 222 -14.58 -11.77 14.04
CA LEU C 222 -14.32 -13.19 13.94
C LEU C 222 -14.30 -13.81 15.33
N VAL C 223 -14.77 -15.06 15.42
CA VAL C 223 -14.81 -15.81 16.67
C VAL C 223 -14.02 -17.09 16.47
N LYS C 224 -13.03 -17.32 17.34
CA LYS C 224 -12.28 -18.56 17.29
C LYS C 224 -11.87 -18.95 18.71
N ASP C 225 -12.21 -20.18 19.10
CA ASP C 225 -11.83 -20.73 20.40
C ASP C 225 -12.25 -19.82 21.56
N GLY C 226 -13.46 -19.28 21.47
CA GLY C 226 -14.02 -18.45 22.51
C GLY C 226 -13.52 -17.02 22.55
N VAL C 227 -12.70 -16.61 21.59
CA VAL C 227 -12.13 -15.26 21.55
C VAL C 227 -12.70 -14.52 20.34
N LEU C 228 -13.00 -13.24 20.53
CA LEU C 228 -13.48 -12.39 19.46
C LEU C 228 -12.32 -11.57 18.88
N TYR C 229 -12.30 -11.44 17.56
CA TYR C 229 -11.26 -10.69 16.85
C TYR C 229 -11.91 -9.67 15.95
N THR C 230 -11.44 -8.43 16.00
CA THR C 230 -11.96 -7.40 15.11
C THR C 230 -10.83 -6.40 14.82
N PRO C 231 -10.75 -5.92 13.57
CA PRO C 231 -9.62 -5.04 13.20
C PRO C 231 -9.59 -3.76 14.01
N ASP C 232 -8.37 -3.31 14.33
CA ASP C 232 -8.17 -2.12 15.15
C ASP C 232 -7.82 -0.88 14.33
N ARG C 233 -7.51 -1.03 13.05
CA ARG C 233 -7.19 0.11 12.20
C ARG C 233 -7.81 -0.09 10.83
N GLY C 234 -7.95 1.01 10.09
CA GLY C 234 -8.52 0.96 8.76
C GLY C 234 -10.03 0.83 8.73
N VAL C 235 -10.71 0.96 9.87
CA VAL C 235 -12.14 0.74 9.97
C VAL C 235 -12.78 1.89 10.73
N LEU C 236 -14.10 1.97 10.62
CA LEU C 236 -14.88 2.84 11.51
C LEU C 236 -14.93 2.23 12.89
N GLU C 237 -14.77 3.07 13.91
CA GLU C 237 -14.91 2.65 15.31
C GLU C 237 -16.40 2.65 15.64
N GLY C 238 -17.05 1.56 15.26
CA GLY C 238 -18.50 1.51 15.32
C GLY C 238 -19.04 1.53 16.73
N VAL C 239 -20.20 2.18 16.90
CA VAL C 239 -20.89 2.15 18.18
C VAL C 239 -21.47 0.78 18.45
N THR C 240 -21.92 0.08 17.39
CA THR C 240 -22.35 -1.30 17.55
C THR C 240 -21.19 -2.19 17.95
N ARG C 241 -20.02 -2.00 17.32
CA ARG C 241 -18.83 -2.72 17.71
C ARG C 241 -18.46 -2.45 19.17
N LYS C 242 -18.63 -1.19 19.60
CA LYS C 242 -18.39 -0.85 20.99
C LYS C 242 -19.36 -1.59 21.91
N SER C 243 -20.62 -1.70 21.50
CA SER C 243 -21.59 -2.44 22.29
C SER C 243 -21.28 -3.93 22.32
N VAL C 244 -20.74 -4.47 21.22
CA VAL C 244 -20.31 -5.86 21.20
C VAL C 244 -19.25 -6.10 22.27
N ILE C 245 -18.31 -5.18 22.41
CA ILE C 245 -17.28 -5.30 23.43
C ILE C 245 -17.90 -5.18 24.82
N ASP C 246 -18.92 -4.33 24.95
CA ASP C 246 -19.63 -4.21 26.23
C ASP C 246 -20.34 -5.51 26.60
N VAL C 247 -21.04 -6.12 25.64
CA VAL C 247 -21.75 -7.36 25.92
C VAL C 247 -20.76 -8.48 26.23
N ALA C 248 -19.67 -8.56 25.46
CA ALA C 248 -18.70 -9.63 25.66
C ALA C 248 -17.99 -9.49 27.01
N ARG C 249 -17.71 -8.26 27.44
CA ARG C 249 -17.09 -8.05 28.74
C ARG C 249 -18.03 -8.48 29.87
N ALA C 250 -19.32 -8.15 29.75
CA ALA C 250 -20.29 -8.57 30.74
C ALA C 250 -20.45 -10.09 30.79
N ASN C 251 -20.08 -10.80 29.72
CA ASN C 251 -20.14 -12.25 29.66
C ASN C 251 -18.78 -12.89 29.85
N GLY C 252 -17.75 -12.12 30.20
CA GLY C 252 -16.43 -12.67 30.39
C GLY C 252 -15.77 -13.18 29.12
N ILE C 253 -16.17 -12.65 27.97
CA ILE C 253 -15.63 -13.07 26.67
C ILE C 253 -14.57 -12.06 26.24
N GLU C 254 -13.39 -12.54 25.89
CA GLU C 254 -12.30 -11.68 25.46
C GLU C 254 -12.54 -11.18 24.05
N VAL C 255 -12.33 -9.89 23.83
CA VAL C 255 -12.37 -9.28 22.50
C VAL C 255 -11.00 -8.68 22.23
N ARG C 256 -10.38 -9.09 21.13
CA ARG C 256 -9.06 -8.62 20.74
C ARG C 256 -9.23 -7.65 19.58
N VAL C 257 -9.11 -6.36 19.87
CA VAL C 257 -9.15 -5.31 18.86
C VAL C 257 -7.71 -5.13 18.38
N GLU C 258 -7.40 -5.78 17.26
CA GLU C 258 -6.02 -5.85 16.77
C GLU C 258 -6.07 -6.09 15.27
N VAL C 259 -4.89 -6.14 14.66
CA VAL C 259 -4.80 -6.48 13.24
C VAL C 259 -5.22 -7.93 13.06
N VAL C 260 -6.16 -8.15 12.16
CA VAL C 260 -6.74 -9.47 11.92
C VAL C 260 -6.31 -9.94 10.53
N PRO C 261 -5.52 -11.00 10.42
CA PRO C 261 -5.13 -11.49 9.10
C PRO C 261 -6.30 -12.09 8.36
N VAL C 262 -6.24 -12.01 7.03
CA VAL C 262 -7.29 -12.57 6.19
C VAL C 262 -7.46 -14.07 6.46
N GLU C 263 -6.35 -14.76 6.73
CA GLU C 263 -6.39 -16.21 6.92
C GLU C 263 -7.30 -16.60 8.08
N LEU C 264 -7.40 -15.76 9.11
CA LEU C 264 -8.23 -16.09 10.27
C LEU C 264 -9.70 -16.24 9.88
N ALA C 265 -10.14 -15.53 8.84
CA ALA C 265 -11.53 -15.64 8.39
C ALA C 265 -11.83 -17.04 7.86
N TYR C 266 -10.82 -17.75 7.36
CA TYR C 266 -11.01 -19.10 6.85
C TYR C 266 -10.78 -20.17 7.90
N GLN C 267 -10.33 -19.81 9.10
CA GLN C 267 -10.03 -20.78 10.14
C GLN C 267 -10.84 -20.58 11.41
N CYS C 268 -11.75 -19.62 11.44
CA CYS C 268 -12.47 -19.29 12.67
C CYS C 268 -13.74 -20.12 12.81
N ASP C 269 -14.35 -20.03 13.99
CA ASP C 269 -15.54 -20.81 14.30
C ASP C 269 -16.83 -20.08 13.95
N GLU C 270 -16.88 -18.77 14.16
CA GLU C 270 -18.08 -17.99 13.88
C GLU C 270 -17.67 -16.66 13.24
N ILE C 271 -18.59 -16.09 12.48
CA ILE C 271 -18.42 -14.78 11.87
C ILE C 271 -19.73 -14.03 12.02
N PHE C 272 -19.64 -12.74 12.38
CA PHE C 272 -20.83 -11.89 12.32
C PHE C 272 -20.41 -10.46 12.04
N MET C 273 -21.29 -9.73 11.36
CA MET C 273 -21.12 -8.32 11.10
C MET C 273 -21.90 -7.51 12.12
N CYS C 274 -21.52 -6.24 12.28
CA CYS C 274 -22.23 -5.38 13.21
C CYS C 274 -22.26 -3.96 12.69
N THR C 275 -23.43 -3.33 12.73
CA THR C 275 -23.62 -1.94 12.37
C THR C 275 -24.94 -1.48 12.96
N THR C 276 -25.13 -0.16 12.97
CA THR C 276 -26.35 0.40 13.55
C THR C 276 -27.59 -0.03 12.78
N ALA C 277 -27.49 -0.06 11.45
CA ALA C 277 -28.62 -0.43 10.60
C ALA C 277 -28.67 -1.95 10.42
N GLY C 278 -29.10 -2.63 11.48
CA GLY C 278 -29.23 -4.07 11.42
C GLY C 278 -28.82 -4.78 12.69
N GLY C 279 -27.85 -4.23 13.41
CA GLY C 279 -27.41 -4.80 14.66
C GLY C 279 -26.37 -5.89 14.45
N ILE C 280 -26.58 -7.03 15.09
CA ILE C 280 -25.67 -8.16 15.00
C ILE C 280 -26.16 -9.09 13.89
N MET C 281 -25.34 -9.28 12.86
CA MET C 281 -25.75 -9.98 11.64
C MET C 281 -24.83 -11.16 11.36
N PRO C 282 -25.25 -12.39 11.64
CA PRO C 282 -24.35 -13.53 11.50
C PRO C 282 -24.01 -13.84 10.05
N ILE C 283 -22.80 -14.34 9.85
CA ILE C 283 -22.33 -14.79 8.54
C ILE C 283 -22.02 -16.27 8.65
N THR C 284 -22.75 -17.09 7.90
CA THR C 284 -22.62 -18.54 7.96
C THR C 284 -22.02 -19.13 6.69
N SER C 285 -21.63 -18.30 5.73
CA SER C 285 -21.01 -18.79 4.51
C SER C 285 -19.96 -17.78 4.06
N LEU C 286 -18.78 -18.29 3.70
CA LEU C 286 -17.67 -17.45 3.27
C LEU C 286 -17.04 -18.06 2.02
N ASP C 287 -17.01 -17.27 0.94
CA ASP C 287 -16.44 -17.71 -0.34
C ASP C 287 -17.12 -19.00 -0.83
N GLY C 288 -18.43 -19.10 -0.61
CA GLY C 288 -19.20 -20.25 -1.04
C GLY C 288 -19.09 -21.47 -0.15
N LYS C 289 -18.35 -21.39 0.94
CA LYS C 289 -18.19 -22.52 1.85
C LYS C 289 -18.78 -22.19 3.22
N PRO C 290 -19.30 -23.17 3.93
CA PRO C 290 -19.88 -22.90 5.25
C PRO C 290 -18.83 -22.44 6.25
N VAL C 291 -19.27 -21.61 7.19
CA VAL C 291 -18.45 -21.20 8.32
C VAL C 291 -18.71 -22.23 9.42
N ASN C 292 -17.67 -23.00 9.75
CA ASN C 292 -17.80 -24.15 10.65
C ASN C 292 -18.90 -25.07 10.16
N ASP C 293 -19.98 -25.22 10.93
CA ASP C 293 -21.09 -26.07 10.56
C ASP C 293 -22.15 -25.34 9.73
N GLY C 294 -21.91 -24.07 9.39
CA GLY C 294 -22.89 -23.30 8.64
C GLY C 294 -24.06 -22.79 9.45
N LYS C 295 -24.02 -22.94 10.77
CA LYS C 295 -25.08 -22.48 11.64
C LYS C 295 -24.64 -21.22 12.39
N VAL C 296 -25.64 -20.47 12.87
CA VAL C 296 -25.34 -19.32 13.71
C VAL C 296 -24.70 -19.81 15.01
N GLY C 297 -23.50 -19.33 15.30
CA GLY C 297 -22.74 -19.82 16.42
C GLY C 297 -23.31 -19.43 17.76
N PRO C 298 -22.89 -20.14 18.81
CA PRO C 298 -23.41 -19.84 20.16
C PRO C 298 -22.93 -18.50 20.70
N ILE C 299 -21.67 -18.15 20.47
CA ILE C 299 -21.17 -16.87 20.97
C ILE C 299 -21.83 -15.72 20.23
N THR C 300 -22.10 -15.89 18.93
CA THR C 300 -22.81 -14.87 18.18
C THR C 300 -24.20 -14.62 18.76
N LYS C 301 -24.93 -15.69 19.08
CA LYS C 301 -26.25 -15.54 19.68
C LYS C 301 -26.16 -14.86 21.05
N LYS C 302 -25.09 -15.12 21.81
CA LYS C 302 -24.91 -14.44 23.09
C LYS C 302 -24.72 -12.94 22.89
N ILE C 303 -23.92 -12.55 21.90
CA ILE C 303 -23.75 -11.13 21.59
C ILE C 303 -25.07 -10.56 21.06
N TRP C 304 -25.77 -11.33 20.22
CA TRP C 304 -27.04 -10.88 19.68
C TRP C 304 -28.05 -10.56 20.79
N ASP C 305 -28.20 -11.49 21.73
CA ASP C 305 -29.16 -11.28 22.82
C ASP C 305 -28.76 -10.09 23.69
N GLY C 306 -27.48 -9.98 24.02
CA GLY C 306 -27.04 -8.88 24.87
C GLY C 306 -27.14 -7.53 24.19
N TYR C 307 -26.88 -7.49 22.87
CA TYR C 307 -26.95 -6.22 22.15
C TYR C 307 -28.35 -5.63 22.20
N TRP C 308 -29.37 -6.47 22.01
CA TRP C 308 -30.74 -5.97 22.02
C TRP C 308 -31.24 -5.71 23.44
N ALA C 309 -30.71 -6.43 24.42
CA ALA C 309 -31.03 -6.13 25.81
C ALA C 309 -30.51 -4.75 26.20
N MET C 310 -29.40 -4.32 25.59
CA MET C 310 -28.83 -3.00 25.89
C MET C 310 -29.76 -1.86 25.50
N HIS C 311 -30.68 -2.09 24.57
CA HIS C 311 -31.61 -1.05 24.15
C HIS C 311 -32.62 -0.68 25.23
N TYR C 312 -32.65 -1.41 26.34
CA TYR C 312 -33.50 -1.08 27.48
C TYR C 312 -32.65 -0.79 28.72
N ASP C 313 -31.34 -0.74 28.57
CA ASP C 313 -30.45 -0.32 29.66
C ASP C 313 -30.43 1.20 29.71
N PRO C 314 -30.78 1.81 30.85
CA PRO C 314 -30.82 3.29 30.90
C PRO C 314 -29.48 3.95 30.63
N ALA C 315 -28.37 3.22 30.76
CA ALA C 315 -27.07 3.80 30.48
C ALA C 315 -26.80 3.92 28.98
N TYR C 316 -27.58 3.23 28.14
CA TYR C 316 -27.36 3.25 26.71
C TYR C 316 -28.60 3.66 25.92
N SER C 317 -29.67 4.06 26.59
CA SER C 317 -30.92 4.37 25.91
C SER C 317 -31.79 5.25 26.79
N PHE C 318 -32.71 5.96 26.14
CA PHE C 318 -33.71 6.74 26.84
C PHE C 318 -35.00 6.74 26.02
N GLU C 319 -36.12 6.87 26.73
CA GLU C 319 -37.44 6.76 26.11
C GLU C 319 -37.84 8.08 25.46
N ILE C 320 -38.46 7.97 24.28
CA ILE C 320 -38.98 9.14 23.55
C ILE C 320 -40.45 9.31 23.89
N ASP C 321 -40.84 10.55 24.16
CA ASP C 321 -42.24 10.88 24.44
C ASP C 321 -42.92 11.22 23.12
N TYR C 322 -43.80 10.32 22.65
CA TYR C 322 -44.59 10.54 21.45
C TYR C 322 -45.90 11.27 21.73
N GLU C 323 -46.04 11.87 22.90
CA GLU C 323 -47.27 12.54 23.33
C GLU C 323 -48.46 11.58 23.30
N SER D 3 0.38 34.88 -26.73
CA SER D 3 1.33 35.39 -25.76
C SER D 3 0.62 35.79 -24.46
N MET D 4 -0.37 34.97 -24.06
CA MET D 4 -1.13 35.16 -22.84
C MET D 4 -2.00 36.41 -22.87
N GLU D 5 -1.42 37.55 -23.26
CA GLU D 5 -2.16 38.81 -23.23
C GLU D 5 -3.36 38.76 -24.16
N LYS D 6 -3.16 38.28 -25.39
CA LYS D 6 -4.25 38.24 -26.37
C LYS D 6 -5.39 37.35 -25.88
N VAL D 7 -5.07 36.21 -25.27
CA VAL D 7 -6.11 35.31 -24.79
C VAL D 7 -6.76 35.87 -23.54
N PHE D 8 -5.93 36.38 -22.60
CA PHE D 8 -6.47 36.88 -21.33
C PHE D 8 -7.32 38.12 -21.54
N ALA D 9 -6.82 39.08 -22.32
CA ALA D 9 -7.59 40.29 -22.59
C ALA D 9 -8.90 39.96 -23.28
N GLY D 10 -8.88 39.00 -24.21
CA GLY D 10 -10.12 38.53 -24.81
C GLY D 10 -11.10 38.03 -23.77
N TYR D 11 -10.62 37.19 -22.85
CA TYR D 11 -11.46 36.73 -21.75
C TYR D 11 -11.84 37.90 -20.83
N GLN D 12 -10.86 38.74 -20.49
CA GLN D 12 -11.13 39.85 -19.59
C GLN D 12 -12.13 40.84 -20.19
N ALA D 13 -12.04 41.07 -21.51
CA ALA D 13 -13.02 41.92 -22.17
C ALA D 13 -14.37 41.22 -22.28
N ARG D 14 -14.36 39.93 -22.63
CA ARG D 14 -15.61 39.17 -22.65
C ARG D 14 -16.22 39.06 -21.27
N GLN D 15 -15.39 39.16 -20.22
CA GLN D 15 -15.91 39.14 -18.86
C GLN D 15 -16.75 40.37 -18.57
N ALA D 16 -16.30 41.54 -19.03
CA ALA D 16 -17.04 42.77 -18.79
C ALA D 16 -18.40 42.73 -19.47
N VAL D 17 -18.47 42.20 -20.69
CA VAL D 17 -19.75 42.07 -21.39
C VAL D 17 -20.69 41.18 -20.59
N LEU D 18 -20.17 40.08 -20.02
CA LEU D 18 -20.99 39.23 -19.17
C LEU D 18 -21.26 39.89 -17.82
N GLU D 19 -20.24 40.51 -17.23
CA GLU D 19 -20.41 41.13 -15.92
C GLU D 19 -21.38 42.30 -15.99
N ALA D 20 -21.33 43.09 -17.06
CA ALA D 20 -22.28 44.18 -17.22
C ALA D 20 -23.67 43.69 -17.56
N SER D 21 -23.79 42.46 -18.07
CA SER D 21 -25.09 41.88 -18.38
C SER D 21 -25.71 41.13 -17.21
N ALA D 22 -25.06 41.15 -16.04
CA ALA D 22 -25.60 40.46 -14.88
C ALA D 22 -26.96 41.02 -14.47
N SER D 23 -27.16 42.33 -14.65
CA SER D 23 -28.45 42.93 -14.28
C SER D 23 -29.57 42.40 -15.16
N THR D 24 -29.31 42.17 -16.44
CA THR D 24 -30.33 41.75 -17.38
C THR D 24 -30.42 40.23 -17.50
N ASN D 25 -29.29 39.53 -17.41
CA ASN D 25 -29.25 38.10 -17.68
C ASN D 25 -29.48 37.32 -16.38
N PRO D 26 -30.59 36.57 -16.25
CA PRO D 26 -30.76 35.70 -15.07
C PRO D 26 -29.89 34.45 -15.11
N PHE D 27 -29.11 34.26 -16.19
CA PHE D 27 -28.23 33.12 -16.31
C PHE D 27 -26.76 33.53 -16.42
N ALA D 28 -26.45 34.80 -16.22
CA ALA D 28 -25.08 35.27 -16.34
C ALA D 28 -24.17 34.66 -15.27
N LYS D 29 -24.73 34.23 -14.15
CA LYS D 29 -23.98 33.58 -13.08
C LYS D 29 -24.06 32.06 -13.15
N GLY D 30 -24.82 31.51 -14.08
CA GLY D 30 -24.91 30.08 -14.27
C GLY D 30 -26.34 29.64 -14.55
N ILE D 31 -26.45 28.46 -15.17
CA ILE D 31 -27.73 27.85 -15.50
C ILE D 31 -27.59 26.35 -15.32
N ALA D 32 -28.62 25.71 -14.77
CA ALA D 32 -28.58 24.28 -14.48
C ALA D 32 -29.73 23.55 -15.18
N TRP D 33 -29.53 22.26 -15.41
CA TRP D 33 -30.52 21.36 -16.00
C TRP D 33 -30.87 20.32 -14.96
N VAL D 34 -32.11 20.32 -14.49
CA VAL D 34 -32.58 19.41 -13.45
C VAL D 34 -33.92 18.85 -13.87
N GLU D 35 -33.94 17.55 -14.21
CA GLU D 35 -35.17 16.82 -14.52
C GLU D 35 -35.95 17.49 -15.64
N GLY D 36 -35.25 17.90 -16.70
CA GLY D 36 -35.89 18.48 -17.86
C GLY D 36 -36.19 19.96 -17.77
N GLU D 37 -35.92 20.59 -16.64
CA GLU D 37 -36.18 22.02 -16.46
C GLU D 37 -34.86 22.78 -16.33
N LEU D 38 -34.90 24.06 -16.69
CA LEU D 38 -33.74 24.94 -16.62
C LEU D 38 -33.97 26.01 -15.57
N VAL D 39 -33.04 26.13 -14.64
CA VAL D 39 -33.13 27.11 -13.55
C VAL D 39 -31.79 27.79 -13.39
N PRO D 40 -31.77 28.98 -12.82
CA PRO D 40 -30.49 29.61 -12.47
C PRO D 40 -29.67 28.71 -11.56
N LEU D 41 -28.35 28.77 -11.73
CA LEU D 41 -27.46 27.81 -11.09
C LEU D 41 -27.60 27.83 -9.57
N HIS D 42 -27.54 29.02 -8.98
CA HIS D 42 -27.57 29.13 -7.53
C HIS D 42 -28.96 28.87 -6.93
N GLU D 43 -29.96 28.57 -7.76
CA GLU D 43 -31.28 28.17 -7.28
C GLU D 43 -31.55 26.69 -7.49
N ALA D 44 -30.65 25.96 -8.16
CA ALA D 44 -30.89 24.55 -8.47
C ALA D 44 -30.87 23.69 -7.21
N ARG D 45 -31.70 22.66 -7.22
CA ARG D 45 -31.82 21.75 -6.09
C ARG D 45 -31.99 20.32 -6.59
N ILE D 46 -31.42 19.38 -5.86
CA ILE D 46 -31.48 17.96 -6.19
C ILE D 46 -32.14 17.24 -5.02
N PRO D 47 -32.70 16.06 -5.27
CA PRO D 47 -33.29 15.29 -4.17
C PRO D 47 -32.25 14.90 -3.13
N LEU D 48 -32.66 14.95 -1.85
CA LEU D 48 -31.76 14.59 -0.77
C LEU D 48 -31.41 13.10 -0.84
N LEU D 49 -32.37 12.26 -1.22
CA LEU D 49 -32.15 10.82 -1.29
C LEU D 49 -31.40 10.38 -2.54
N ASP D 50 -30.96 11.32 -3.37
CA ASP D 50 -30.18 10.96 -4.55
C ASP D 50 -28.88 10.31 -4.15
N GLN D 51 -28.62 9.12 -4.69
CA GLN D 51 -27.43 8.36 -4.31
C GLN D 51 -26.15 9.09 -4.67
N GLY D 52 -26.19 10.05 -5.59
CA GLY D 52 -25.03 10.89 -5.83
C GLY D 52 -24.62 11.70 -4.61
N PHE D 53 -25.57 11.96 -3.71
CA PHE D 53 -25.29 12.63 -2.45
C PHE D 53 -25.18 11.64 -1.30
N MET D 54 -26.09 10.67 -1.23
CA MET D 54 -26.13 9.75 -0.10
C MET D 54 -24.89 8.87 -0.03
N HIS D 55 -24.26 8.59 -1.18
CA HIS D 55 -23.08 7.73 -1.18
C HIS D 55 -22.08 8.14 -2.26
N SER D 56 -22.18 9.37 -2.77
CA SER D 56 -21.32 9.86 -3.84
C SER D 56 -21.24 8.85 -4.99
N ASP D 57 -22.34 8.15 -5.24
CA ASP D 57 -22.41 7.09 -6.24
C ASP D 57 -22.68 7.73 -7.59
N LEU D 58 -21.63 8.31 -8.16
CA LEU D 58 -21.77 9.07 -9.40
C LEU D 58 -20.44 9.10 -10.13
N THR D 59 -20.52 9.51 -11.39
CA THR D 59 -19.37 9.95 -12.15
C THR D 59 -19.72 11.30 -12.78
N TYR D 60 -18.70 12.03 -13.21
CA TYR D 60 -18.94 13.35 -13.79
C TYR D 60 -17.84 13.66 -14.80
N ASP D 61 -18.04 14.76 -15.52
CA ASP D 61 -17.05 15.22 -16.49
C ASP D 61 -17.23 16.71 -16.71
N VAL D 62 -16.12 17.37 -17.03
CA VAL D 62 -16.11 18.83 -17.15
C VAL D 62 -15.54 19.24 -18.51
N PRO D 63 -16.38 19.45 -19.52
CA PRO D 63 -15.93 20.15 -20.73
C PRO D 63 -15.94 21.66 -20.51
N SER D 64 -15.68 22.44 -21.54
CA SER D 64 -15.60 23.89 -21.36
C SER D 64 -15.90 24.60 -22.67
N VAL D 65 -16.26 25.87 -22.56
CA VAL D 65 -16.41 26.78 -23.69
C VAL D 65 -15.39 27.89 -23.55
N TRP D 66 -14.79 28.29 -24.67
CA TRP D 66 -13.84 29.39 -24.68
C TRP D 66 -14.09 30.23 -25.93
N ASP D 67 -14.35 31.52 -25.74
CA ASP D 67 -14.62 32.44 -26.83
C ASP D 67 -15.77 31.95 -27.70
N GLY D 68 -16.77 31.34 -27.06
CA GLY D 68 -17.90 30.80 -27.78
C GLY D 68 -17.65 29.52 -28.53
N ARG D 69 -16.64 28.75 -28.13
CA ARG D 69 -16.28 27.51 -28.82
C ARG D 69 -16.14 26.39 -27.79
N PHE D 70 -16.99 25.39 -27.91
CA PHE D 70 -16.88 24.19 -27.07
C PHE D 70 -15.57 23.47 -27.38
N PHE D 71 -14.75 23.28 -26.35
CA PHE D 71 -13.43 22.67 -26.53
C PHE D 71 -13.51 21.17 -26.25
N ARG D 72 -13.35 20.38 -27.32
CA ARG D 72 -13.24 18.92 -27.22
C ARG D 72 -14.41 18.31 -26.47
N LEU D 73 -15.63 18.77 -26.79
CA LEU D 73 -16.81 18.30 -26.08
C LEU D 73 -17.04 16.82 -26.32
N ASP D 74 -16.77 16.33 -27.54
CA ASP D 74 -17.02 14.93 -27.83
C ASP D 74 -16.05 14.00 -27.10
N ASP D 75 -14.85 14.48 -26.79
CA ASP D 75 -13.93 13.68 -25.97
C ASP D 75 -14.46 13.55 -24.55
N HIS D 76 -14.97 14.64 -23.98
CA HIS D 76 -15.51 14.57 -22.63
C HIS D 76 -16.75 13.71 -22.57
N LEU D 77 -17.59 13.78 -23.60
CA LEU D 77 -18.79 12.95 -23.61
C LEU D 77 -18.45 11.47 -23.72
N SER D 78 -17.44 11.13 -24.53
CA SER D 78 -17.04 9.73 -24.65
C SER D 78 -16.43 9.21 -23.35
N ARG D 79 -15.60 10.03 -22.69
CA ARG D 79 -15.04 9.62 -21.42
C ARG D 79 -16.13 9.48 -20.36
N LEU D 80 -17.14 10.35 -20.41
CA LEU D 80 -18.26 10.22 -19.49
C LEU D 80 -19.01 8.92 -19.71
N GLU D 81 -19.26 8.57 -20.98
CA GLU D 81 -19.92 7.30 -21.28
C GLU D 81 -19.05 6.12 -20.87
N ALA D 82 -17.73 6.26 -21.03
CA ALA D 82 -16.82 5.22 -20.57
C ALA D 82 -16.84 5.10 -19.05
N SER D 83 -16.85 6.24 -18.35
CA SER D 83 -16.93 6.20 -16.90
C SER D 83 -18.25 5.58 -16.43
N CYS D 84 -19.35 5.90 -17.13
CA CYS D 84 -20.64 5.32 -16.79
C CYS D 84 -20.62 3.81 -16.92
N SER D 85 -20.07 3.30 -18.03
CA SER D 85 -20.03 1.86 -18.24
C SER D 85 -19.15 1.18 -17.19
N LYS D 86 -18.03 1.80 -16.83
CA LYS D 86 -17.17 1.22 -15.81
C LYS D 86 -17.87 1.17 -14.46
N MET D 87 -18.79 2.11 -14.19
CA MET D 87 -19.51 2.17 -12.94
C MET D 87 -20.88 1.50 -13.02
N ARG D 88 -21.15 0.78 -14.11
CA ARG D 88 -22.45 0.15 -14.34
C ARG D 88 -23.57 1.17 -14.36
N LEU D 89 -23.28 2.37 -14.82
CA LEU D 89 -24.26 3.42 -15.06
C LEU D 89 -24.48 3.58 -16.56
N LYS D 90 -25.50 4.35 -16.91
CA LYS D 90 -25.80 4.67 -18.30
C LYS D 90 -26.27 6.10 -18.40
N LEU D 91 -25.72 6.85 -19.35
CA LEU D 91 -26.13 8.21 -19.64
C LEU D 91 -27.64 8.23 -19.88
N PRO D 92 -28.41 8.88 -19.00
CA PRO D 92 -29.87 8.71 -19.03
C PRO D 92 -30.55 9.26 -20.27
N LEU D 93 -29.83 9.95 -21.15
CA LEU D 93 -30.37 10.42 -22.41
C LEU D 93 -29.39 10.08 -23.53
N PRO D 94 -29.89 9.87 -24.75
CA PRO D 94 -28.99 9.73 -25.89
C PRO D 94 -27.95 10.84 -25.93
N ARG D 95 -26.72 10.47 -26.24
CA ARG D 95 -25.61 11.42 -26.30
C ARG D 95 -25.92 12.58 -27.25
N GLU D 96 -26.74 12.33 -28.26
CA GLU D 96 -27.09 13.37 -29.21
C GLU D 96 -28.00 14.41 -28.58
N GLU D 97 -28.95 13.97 -27.75
CA GLU D 97 -29.80 14.91 -27.03
C GLU D 97 -29.00 15.68 -25.97
N VAL D 98 -28.00 15.05 -25.38
CA VAL D 98 -27.22 15.70 -24.33
C VAL D 98 -26.43 16.87 -24.91
N LYS D 99 -25.78 16.67 -26.06
CA LYS D 99 -25.01 17.75 -26.66
C LYS D 99 -25.92 18.87 -27.17
N GLN D 100 -27.12 18.53 -27.65
CA GLN D 100 -28.04 19.56 -28.08
C GLN D 100 -28.59 20.35 -26.89
N ILE D 101 -28.86 19.67 -25.77
CA ILE D 101 -29.26 20.37 -24.55
C ILE D 101 -28.13 21.25 -24.05
N LEU D 102 -26.88 20.80 -24.23
CA LEU D 102 -25.74 21.56 -23.71
C LEU D 102 -25.56 22.89 -24.43
N VAL D 103 -25.59 22.87 -25.76
CA VAL D 103 -25.39 24.12 -26.50
C VAL D 103 -26.55 25.07 -26.27
N ASP D 104 -27.74 24.55 -25.99
CA ASP D 104 -28.88 25.43 -25.71
C ASP D 104 -28.70 26.14 -24.38
N MET D 105 -28.14 25.45 -23.38
CA MET D 105 -27.92 26.07 -22.07
C MET D 105 -26.86 27.15 -22.15
N VAL D 106 -25.77 26.90 -22.88
CA VAL D 106 -24.74 27.92 -23.05
C VAL D 106 -25.29 29.11 -23.82
N ALA D 107 -26.19 28.85 -24.79
CA ALA D 107 -26.76 29.94 -25.57
C ALA D 107 -27.59 30.87 -24.70
N LYS D 108 -28.51 30.32 -23.91
CA LYS D 108 -29.36 31.13 -23.05
C LYS D 108 -28.57 31.81 -21.94
N SER D 109 -27.41 31.27 -21.58
CA SER D 109 -26.59 31.88 -20.54
C SER D 109 -25.77 33.05 -21.06
N GLY D 110 -25.42 33.02 -22.35
CA GLY D 110 -24.57 34.05 -22.91
C GLY D 110 -23.13 34.02 -22.44
N ILE D 111 -22.73 32.99 -21.69
CA ILE D 111 -21.37 32.89 -21.17
C ILE D 111 -20.44 32.46 -22.30
N ARG D 112 -19.42 33.28 -22.57
CA ARG D 112 -18.47 32.95 -23.63
C ARG D 112 -17.41 31.98 -23.15
N ASP D 113 -16.95 32.13 -21.91
CA ASP D 113 -15.94 31.27 -21.30
C ASP D 113 -16.60 30.58 -20.12
N ALA D 114 -16.95 29.30 -20.31
CA ALA D 114 -17.87 28.62 -19.42
C ALA D 114 -17.25 27.36 -18.82
N PHE D 115 -17.61 27.08 -17.57
CA PHE D 115 -17.33 25.83 -16.90
C PHE D 115 -18.56 24.95 -17.03
N VAL D 116 -18.43 23.82 -17.74
CA VAL D 116 -19.53 22.91 -17.99
C VAL D 116 -19.30 21.65 -17.18
N GLU D 117 -20.35 21.18 -16.50
CA GLU D 117 -20.24 19.99 -15.68
C GLU D 117 -21.47 19.11 -15.90
N LEU D 118 -21.23 17.84 -16.24
CA LEU D 118 -22.27 16.83 -16.34
C LEU D 118 -22.08 15.83 -15.21
N ILE D 119 -23.19 15.40 -14.60
CA ILE D 119 -23.16 14.47 -13.49
C ILE D 119 -24.17 13.36 -13.75
N VAL D 120 -23.72 12.11 -13.65
CA VAL D 120 -24.59 10.95 -13.76
C VAL D 120 -24.50 10.19 -12.44
N THR D 121 -25.60 10.15 -11.70
CA THR D 121 -25.65 9.48 -10.40
C THR D 121 -26.45 8.19 -10.51
N ARG D 122 -26.29 7.34 -9.50
CA ARG D 122 -26.98 6.05 -9.48
C ARG D 122 -28.50 6.22 -9.48
N GLY D 123 -29.00 7.33 -8.95
CA GLY D 123 -30.42 7.57 -8.87
C GLY D 123 -30.91 7.62 -7.43
N LEU D 124 -32.20 7.33 -7.27
CA LEU D 124 -32.83 7.33 -5.95
C LEU D 124 -32.71 5.99 -5.24
N LYS D 125 -32.33 4.92 -5.93
CA LYS D 125 -32.23 3.59 -5.35
C LYS D 125 -30.76 3.24 -5.13
N GLY D 126 -30.43 2.80 -3.92
CA GLY D 126 -29.06 2.47 -3.59
C GLY D 126 -28.65 1.09 -4.07
N VAL D 127 -27.33 0.92 -4.24
CA VAL D 127 -26.78 -0.35 -4.70
C VAL D 127 -26.99 -1.44 -3.65
N ARG D 128 -26.93 -1.08 -2.36
CA ARG D 128 -26.99 -2.07 -1.29
C ARG D 128 -28.30 -2.85 -1.33
N GLY D 129 -28.18 -4.18 -1.42
CA GLY D 129 -29.35 -5.04 -1.41
C GLY D 129 -30.29 -4.83 -2.57
N SER D 130 -29.74 -4.64 -3.77
CA SER D 130 -30.55 -4.36 -4.94
C SER D 130 -30.09 -5.21 -6.11
N LYS D 131 -31.04 -5.65 -6.93
CA LYS D 131 -30.74 -6.39 -8.14
C LYS D 131 -30.34 -5.43 -9.25
N PRO D 132 -29.61 -5.92 -10.26
CA PRO D 132 -29.21 -5.03 -11.36
C PRO D 132 -30.38 -4.35 -12.06
N GLU D 133 -31.54 -5.00 -12.13
CA GLU D 133 -32.68 -4.41 -12.82
C GLU D 133 -33.25 -3.20 -12.09
N GLU D 134 -33.04 -3.11 -10.78
CA GLU D 134 -33.55 -2.00 -9.99
C GLU D 134 -32.60 -0.81 -9.95
N LEU D 135 -31.49 -0.86 -10.68
CA LEU D 135 -30.46 0.18 -10.65
C LEU D 135 -30.28 0.83 -12.01
N VAL D 136 -31.34 0.86 -12.82
CA VAL D 136 -31.23 1.37 -14.20
C VAL D 136 -31.74 2.80 -14.34
N ASN D 137 -32.44 3.33 -13.34
CA ASN D 137 -32.96 4.70 -13.41
C ASN D 137 -31.94 5.68 -12.85
N ASN D 138 -30.88 5.87 -13.64
CA ASN D 138 -29.83 6.82 -13.27
C ASN D 138 -30.30 8.25 -13.48
N ASN D 139 -29.77 9.16 -12.66
CA ASN D 139 -30.11 10.56 -12.72
C ASN D 139 -29.01 11.35 -13.42
N LEU D 140 -29.41 12.44 -14.07
CA LEU D 140 -28.50 13.29 -14.83
C LEU D 140 -28.65 14.73 -14.37
N TYR D 141 -27.53 15.36 -14.04
CA TYR D 141 -27.49 16.75 -13.63
C TYR D 141 -26.41 17.47 -14.42
N MET D 142 -26.77 18.62 -15.01
CA MET D 142 -25.87 19.35 -15.89
C MET D 142 -26.04 20.84 -15.63
N PHE D 143 -24.94 21.59 -15.67
CA PHE D 143 -25.04 23.02 -15.47
C PHE D 143 -23.87 23.73 -16.16
N ILE D 144 -24.14 24.97 -16.60
CA ILE D 144 -23.12 25.87 -17.13
C ILE D 144 -22.79 26.89 -16.07
N GLN D 145 -21.53 27.35 -16.05
CA GLN D 145 -21.03 28.23 -15.03
C GLN D 145 -19.90 29.06 -15.61
N PRO D 146 -19.74 30.31 -15.17
CA PRO D 146 -18.57 31.09 -15.61
C PRO D 146 -17.28 30.34 -15.39
N TYR D 147 -16.31 30.59 -16.28
CA TYR D 147 -15.05 29.84 -16.28
C TYR D 147 -14.39 29.87 -14.91
N VAL D 148 -13.99 28.69 -14.44
CA VAL D 148 -13.36 28.52 -13.14
C VAL D 148 -11.86 28.38 -13.34
N TRP D 149 -11.09 29.12 -12.54
CA TRP D 149 -9.64 29.12 -12.62
C TRP D 149 -9.08 28.45 -11.37
N VAL D 150 -8.45 27.28 -11.53
CA VAL D 150 -7.67 26.72 -10.45
C VAL D 150 -6.40 27.53 -10.25
N MET D 151 -5.97 28.25 -11.28
CA MET D 151 -4.92 29.26 -11.18
C MET D 151 -5.43 30.54 -11.80
N GLU D 152 -5.39 31.63 -11.03
CA GLU D 152 -5.79 32.92 -11.56
C GLU D 152 -4.89 33.30 -12.74
N PRO D 153 -5.43 34.00 -13.74
CA PRO D 153 -4.60 34.38 -14.90
C PRO D 153 -3.36 35.17 -14.53
N GLU D 154 -3.44 36.00 -13.48
CA GLU D 154 -2.26 36.75 -13.06
C GLU D 154 -1.17 35.83 -12.51
N MET D 155 -1.57 34.77 -11.80
CA MET D 155 -0.59 33.85 -11.25
C MET D 155 0.04 33.00 -12.35
N GLN D 156 -0.69 32.74 -13.43
CA GLN D 156 -0.16 31.88 -14.50
C GLN D 156 1.04 32.51 -15.18
N ARG D 157 1.17 33.84 -15.14
CA ARG D 157 2.31 34.49 -15.76
C ARG D 157 3.57 34.35 -14.93
N THR D 158 3.44 34.15 -13.62
CA THR D 158 4.59 34.07 -12.74
C THR D 158 4.81 32.67 -12.14
N GLY D 159 3.83 31.79 -12.23
CA GLY D 159 3.98 30.47 -11.63
C GLY D 159 3.53 30.46 -10.17
N GLY D 160 3.14 29.27 -9.72
CA GLY D 160 2.62 29.07 -8.39
C GLY D 160 3.52 28.21 -7.53
N SER D 161 3.11 28.09 -6.26
CA SER D 161 3.84 27.31 -5.27
C SER D 161 3.12 25.98 -5.03
N ALA D 162 3.90 24.92 -4.87
CA ALA D 162 3.35 23.59 -4.66
C ALA D 162 4.17 22.88 -3.59
N ILE D 163 3.61 21.78 -3.08
CA ILE D 163 4.29 20.92 -2.12
C ILE D 163 4.03 19.48 -2.50
N ILE D 164 4.98 18.61 -2.13
CA ILE D 164 4.74 17.17 -2.17
C ILE D 164 4.04 16.81 -0.86
N ALA D 165 2.79 16.38 -0.96
CA ALA D 165 2.00 16.10 0.24
C ALA D 165 2.64 14.99 1.07
N ARG D 166 2.82 15.26 2.37
CA ARG D 166 3.42 14.30 3.28
C ARG D 166 2.45 13.75 4.32
N THR D 167 1.25 14.33 4.44
CA THR D 167 0.25 13.84 5.39
C THR D 167 -0.89 13.09 4.73
N VAL D 168 -0.83 12.91 3.40
CA VAL D 168 -1.91 12.27 2.67
C VAL D 168 -1.34 11.73 1.36
N ARG D 169 -1.88 10.62 0.89
CA ARG D 169 -1.51 10.06 -0.41
C ARG D 169 -2.77 9.81 -1.22
N ARG D 170 -2.58 9.63 -2.52
CA ARG D 170 -3.70 9.46 -3.44
C ARG D 170 -4.40 8.13 -3.19
N VAL D 171 -5.72 8.13 -3.36
CA VAL D 171 -6.52 6.91 -3.29
C VAL D 171 -6.01 5.93 -4.34
N PRO D 172 -5.62 4.72 -3.95
CA PRO D 172 -5.03 3.80 -4.93
C PRO D 172 -6.09 3.30 -5.91
N PRO D 173 -5.68 2.91 -7.12
CA PRO D 173 -6.67 2.41 -8.10
C PRO D 173 -7.42 1.16 -7.62
N GLY D 174 -6.80 0.34 -6.78
CA GLY D 174 -7.48 -0.81 -6.22
C GLY D 174 -8.62 -0.47 -5.30
N SER D 175 -8.70 0.76 -4.82
CA SER D 175 -9.85 1.25 -4.06
C SER D 175 -10.85 1.98 -4.95
N MET D 176 -10.38 2.94 -5.73
CA MET D 176 -11.22 3.71 -6.63
C MET D 176 -10.45 3.94 -7.93
N ASP D 177 -11.09 3.64 -9.06
CA ASP D 177 -10.47 3.83 -10.36
C ASP D 177 -10.28 5.31 -10.64
N PRO D 178 -9.03 5.82 -10.65
CA PRO D 178 -8.83 7.26 -10.88
C PRO D 178 -9.11 7.70 -12.31
N THR D 179 -9.24 6.78 -13.27
CA THR D 179 -9.65 7.14 -14.61
C THR D 179 -11.16 7.35 -14.72
N VAL D 180 -11.92 6.94 -13.71
CA VAL D 180 -13.35 7.24 -13.64
C VAL D 180 -13.49 8.52 -12.81
N LYS D 181 -13.71 9.64 -13.49
CA LYS D 181 -13.82 10.93 -12.83
C LYS D 181 -14.95 10.89 -11.80
N ASN D 182 -14.61 11.14 -10.54
CA ASN D 182 -15.56 11.06 -9.44
C ASN D 182 -15.41 12.29 -8.55
N LEU D 183 -16.36 12.45 -7.63
CA LEU D 183 -16.39 13.58 -6.71
C LEU D 183 -16.04 13.18 -5.29
N GLN D 184 -15.47 11.99 -5.09
CA GLN D 184 -15.03 11.56 -3.76
C GLN D 184 -13.63 12.08 -3.54
N TRP D 185 -13.57 13.35 -3.12
CA TRP D 185 -12.33 14.13 -3.05
C TRP D 185 -11.69 14.11 -1.66
N GLY D 186 -11.95 13.07 -0.86
CA GLY D 186 -11.48 13.06 0.51
C GLY D 186 -9.98 13.25 0.63
N ASP D 187 -9.21 12.57 -0.21
CA ASP D 187 -7.76 12.73 -0.16
C ASP D 187 -7.32 14.07 -0.75
N LEU D 188 -8.00 14.52 -1.81
CA LEU D 188 -7.65 15.78 -2.43
C LEU D 188 -7.97 16.96 -1.51
N THR D 189 -9.08 16.88 -0.78
CA THR D 189 -9.41 17.92 0.17
C THR D 189 -8.38 17.99 1.29
N ARG D 190 -7.95 16.82 1.78
CA ARG D 190 -6.89 16.81 2.79
C ARG D 190 -5.61 17.43 2.26
N GLY D 191 -5.26 17.14 1.00
CA GLY D 191 -4.07 17.74 0.42
C GLY D 191 -4.17 19.25 0.33
N MET D 192 -5.34 19.77 -0.05
CA MET D 192 -5.53 21.21 -0.11
C MET D 192 -5.38 21.85 1.27
N PHE D 193 -5.84 21.15 2.30
CA PHE D 193 -5.64 21.65 3.66
C PHE D 193 -4.16 21.63 4.05
N GLU D 194 -3.44 20.58 3.65
CA GLU D 194 -2.01 20.50 3.97
C GLU D 194 -1.23 21.61 3.28
N ALA D 195 -1.53 21.87 1.99
CA ALA D 195 -0.85 22.94 1.27
C ALA D 195 -1.08 24.29 1.94
N SER D 196 -2.32 24.54 2.39
CA SER D 196 -2.59 25.78 3.09
C SER D 196 -1.85 25.83 4.42
N ASP D 197 -1.75 24.68 5.12
CA ASP D 197 -1.02 24.65 6.38
C ASP D 197 0.45 24.94 6.19
N ARG D 198 1.04 24.53 5.07
CA ARG D 198 2.47 24.67 4.83
C ARG D 198 2.81 25.92 4.03
N GLY D 199 1.83 26.78 3.76
CA GLY D 199 2.10 28.02 3.06
C GLY D 199 2.22 27.92 1.56
N ALA D 200 1.62 26.90 0.95
CA ALA D 200 1.61 26.75 -0.50
C ALA D 200 0.17 26.69 -0.99
N THR D 201 0.01 26.68 -2.31
CA THR D 201 -1.31 26.72 -2.94
C THR D 201 -1.76 25.36 -3.48
N TYR D 202 -0.86 24.57 -4.04
CA TYR D 202 -1.25 23.36 -4.74
C TYR D 202 -0.55 22.13 -4.15
N PRO D 203 -1.29 21.09 -3.79
CA PRO D 203 -0.67 19.87 -3.30
C PRO D 203 -0.44 18.84 -4.42
N PHE D 204 0.74 18.23 -4.38
CA PHE D 204 1.07 17.11 -5.26
C PHE D 204 1.01 15.84 -4.42
N LEU D 205 0.12 14.92 -4.78
CA LEU D 205 -0.09 13.70 -4.01
C LEU D 205 0.71 12.55 -4.61
N THR D 206 1.31 11.75 -3.73
CA THR D 206 2.04 10.56 -4.13
C THR D 206 1.12 9.34 -4.02
N ASP D 207 1.62 8.21 -4.52
CA ASP D 207 0.91 6.94 -4.44
C ASP D 207 1.33 6.11 -3.23
N GLY D 208 2.10 6.69 -2.31
CA GLY D 208 2.63 5.95 -1.19
C GLY D 208 3.84 5.11 -1.50
N ASP D 209 4.12 4.84 -2.77
CA ASP D 209 5.30 4.10 -3.19
C ASP D 209 6.38 5.02 -3.77
N ALA D 210 6.44 6.27 -3.27
CA ALA D 210 7.44 7.25 -3.68
C ALA D 210 7.32 7.63 -5.15
N ASN D 211 6.11 7.57 -5.71
CA ASN D 211 5.85 7.99 -7.08
C ASN D 211 4.82 9.11 -7.11
N LEU D 212 4.95 9.98 -8.10
CA LEU D 212 4.00 11.07 -8.28
C LEU D 212 2.71 10.55 -8.90
N THR D 213 1.60 11.18 -8.52
CA THR D 213 0.31 10.88 -9.14
C THR D 213 -0.28 12.17 -9.70
N GLU D 214 -1.29 12.73 -9.04
CA GLU D 214 -1.92 13.96 -9.47
C GLU D 214 -2.19 14.81 -8.24
N GLY D 215 -2.77 15.99 -8.45
CA GLY D 215 -3.14 16.88 -7.39
C GLY D 215 -4.64 16.99 -7.22
N SER D 216 -5.04 18.02 -6.46
CA SER D 216 -6.44 18.28 -6.18
C SER D 216 -7.07 18.94 -7.40
N GLY D 217 -7.42 18.12 -8.38
CA GLY D 217 -8.12 18.60 -9.55
C GLY D 217 -7.26 18.98 -10.74
N PHE D 218 -6.14 18.30 -10.94
CA PHE D 218 -5.25 18.61 -12.06
C PHE D 218 -4.24 17.49 -12.21
N ASN D 219 -3.73 17.34 -13.43
CA ASN D 219 -2.60 16.46 -13.69
C ASN D 219 -1.30 17.22 -13.46
N ILE D 220 -0.22 16.45 -13.31
CA ILE D 220 1.12 17.02 -13.08
C ILE D 220 2.02 16.61 -14.23
N VAL D 221 2.75 17.58 -14.78
CA VAL D 221 3.71 17.34 -15.85
C VAL D 221 5.06 17.89 -15.42
N LEU D 222 6.10 17.06 -15.50
CA LEU D 222 7.46 17.48 -15.22
C LEU D 222 8.24 17.58 -16.53
N VAL D 223 9.16 18.54 -16.58
CA VAL D 223 10.00 18.77 -17.75
C VAL D 223 11.46 18.71 -17.30
N LYS D 224 12.25 17.89 -17.98
CA LYS D 224 13.69 17.82 -17.74
C LYS D 224 14.38 17.48 -19.04
N ASP D 225 15.31 18.34 -19.46
CA ASP D 225 16.06 18.15 -20.71
C ASP D 225 15.14 17.99 -21.90
N GLY D 226 14.14 18.86 -21.98
CA GLY D 226 13.25 18.91 -23.13
C GLY D 226 12.28 17.75 -23.28
N VAL D 227 12.09 16.94 -22.25
CA VAL D 227 11.20 15.79 -22.31
C VAL D 227 10.09 15.98 -21.28
N LEU D 228 8.86 15.70 -21.70
CA LEU D 228 7.72 15.76 -20.79
C LEU D 228 7.60 14.45 -20.01
N TYR D 229 7.30 14.58 -18.72
CA TYR D 229 7.08 13.44 -17.84
C TYR D 229 5.72 13.60 -17.16
N THR D 230 4.87 12.59 -17.27
CA THR D 230 3.59 12.61 -16.58
C THR D 230 3.23 11.19 -16.15
N PRO D 231 2.64 11.01 -14.98
CA PRO D 231 2.34 9.66 -14.49
C PRO D 231 1.35 8.93 -15.38
N ASP D 232 1.58 7.62 -15.55
CA ASP D 232 0.79 6.80 -16.45
C ASP D 232 -0.26 5.96 -15.74
N ARG D 233 -0.33 6.03 -14.41
CA ARG D 233 -1.32 5.26 -13.67
C ARG D 233 -1.61 5.96 -12.35
N GLY D 234 -2.74 5.57 -11.75
CA GLY D 234 -3.14 6.19 -10.51
C GLY D 234 -3.64 7.61 -10.67
N VAL D 235 -3.92 8.04 -11.89
CA VAL D 235 -4.32 9.42 -12.18
C VAL D 235 -5.49 9.39 -13.16
N LEU D 236 -6.10 10.56 -13.34
CA LEU D 236 -7.10 10.75 -14.37
C LEU D 236 -6.42 10.97 -15.72
N GLU D 237 -6.99 10.37 -16.76
CA GLU D 237 -6.51 10.61 -18.13
C GLU D 237 -7.18 11.87 -18.65
N GLY D 238 -6.66 13.01 -18.18
CA GLY D 238 -7.32 14.27 -18.44
C GLY D 238 -7.31 14.64 -19.91
N VAL D 239 -8.37 15.35 -20.32
CA VAL D 239 -8.46 15.83 -21.69
C VAL D 239 -7.45 16.95 -21.92
N THR D 240 -7.19 17.77 -20.89
CA THR D 240 -6.13 18.77 -21.00
C THR D 240 -4.77 18.11 -21.16
N ARG D 241 -4.51 17.04 -20.40
CA ARG D 241 -3.27 16.30 -20.56
C ARG D 241 -3.16 15.72 -21.96
N LYS D 242 -4.25 15.16 -22.49
CA LYS D 242 -4.25 14.68 -23.87
C LYS D 242 -4.00 15.83 -24.84
N SER D 243 -4.52 17.02 -24.54
CA SER D 243 -4.23 18.19 -25.37
C SER D 243 -2.78 18.62 -25.23
N VAL D 244 -2.22 18.52 -24.02
CA VAL D 244 -0.81 18.83 -23.81
C VAL D 244 0.06 17.90 -24.66
N ILE D 245 -0.27 16.60 -24.66
CA ILE D 245 0.48 15.65 -25.47
C ILE D 245 0.31 15.96 -26.95
N ASP D 246 -0.90 16.33 -27.36
CA ASP D 246 -1.14 16.68 -28.76
C ASP D 246 -0.28 17.85 -29.18
N VAL D 247 -0.17 18.87 -28.34
CA VAL D 247 0.70 20.01 -28.64
C VAL D 247 2.15 19.56 -28.74
N ALA D 248 2.53 18.59 -27.89
CA ALA D 248 3.89 18.06 -27.95
C ALA D 248 4.14 17.30 -29.25
N ARG D 249 3.14 16.58 -29.74
CA ARG D 249 3.28 15.90 -31.03
C ARG D 249 3.56 16.90 -32.15
N ALA D 250 2.82 18.01 -32.16
CA ALA D 250 2.95 19.00 -33.22
C ALA D 250 4.24 19.80 -33.11
N ASN D 251 4.90 19.78 -31.96
CA ASN D 251 6.12 20.56 -31.75
C ASN D 251 7.36 19.69 -31.64
N GLY D 252 7.24 18.39 -31.90
CA GLY D 252 8.40 17.51 -31.86
C GLY D 252 8.93 17.26 -30.47
N ILE D 253 8.08 17.31 -29.45
CA ILE D 253 8.50 17.09 -28.08
C ILE D 253 8.29 15.62 -27.73
N GLU D 254 9.28 15.02 -27.07
CA GLU D 254 9.18 13.65 -26.60
C GLU D 254 8.32 13.62 -25.34
N VAL D 255 7.39 12.67 -25.29
CA VAL D 255 6.48 12.51 -24.15
C VAL D 255 6.74 11.15 -23.52
N ARG D 256 6.94 11.15 -22.21
CA ARG D 256 7.16 9.93 -21.43
C ARG D 256 6.02 9.81 -20.42
N VAL D 257 4.95 9.12 -20.83
CA VAL D 257 3.85 8.79 -19.93
C VAL D 257 4.21 7.48 -19.25
N GLU D 258 4.77 7.59 -18.05
CA GLU D 258 5.32 6.43 -17.34
C GLU D 258 5.21 6.68 -15.84
N VAL D 259 5.80 5.78 -15.06
CA VAL D 259 5.88 5.98 -13.61
C VAL D 259 6.93 7.05 -13.34
N VAL D 260 6.51 8.12 -12.68
CA VAL D 260 7.37 9.26 -12.38
C VAL D 260 7.71 9.21 -10.88
N PRO D 261 8.95 8.95 -10.51
CA PRO D 261 9.31 8.94 -9.09
C PRO D 261 9.25 10.33 -8.49
N VAL D 262 9.06 10.36 -7.17
CA VAL D 262 8.96 11.63 -6.45
C VAL D 262 10.24 12.45 -6.62
N GLU D 263 11.39 11.77 -6.66
CA GLU D 263 12.66 12.49 -6.70
C GLU D 263 12.82 13.31 -7.98
N LEU D 264 12.16 12.91 -9.07
CA LEU D 264 12.27 13.66 -10.31
C LEU D 264 11.67 15.06 -10.19
N ALA D 265 10.71 15.25 -9.28
CA ALA D 265 10.13 16.57 -9.07
C ALA D 265 11.14 17.54 -8.47
N TYR D 266 12.11 17.02 -7.70
CA TYR D 266 13.13 17.85 -7.08
C TYR D 266 14.33 18.09 -7.97
N GLN D 267 14.41 17.43 -9.13
CA GLN D 267 15.57 17.55 -10.00
C GLN D 267 15.20 17.93 -11.43
N CYS D 268 13.96 18.35 -11.68
CA CYS D 268 13.55 18.66 -13.04
C CYS D 268 13.77 20.14 -13.37
N ASP D 269 13.52 20.48 -14.63
CA ASP D 269 13.74 21.84 -15.10
C ASP D 269 12.49 22.70 -15.01
N GLU D 270 11.33 22.15 -15.37
CA GLU D 270 10.07 22.88 -15.32
C GLU D 270 8.97 22.00 -14.74
N ILE D 271 7.98 22.66 -14.15
CA ILE D 271 6.80 22.00 -13.63
C ILE D 271 5.58 22.80 -14.05
N PHE D 272 4.53 22.11 -14.49
CA PHE D 272 3.25 22.75 -14.70
C PHE D 272 2.14 21.74 -14.51
N MET D 273 0.98 22.24 -14.13
CA MET D 273 -0.23 21.45 -13.96
C MET D 273 -1.23 21.78 -15.05
N CYS D 274 -2.12 20.83 -15.33
CA CYS D 274 -3.08 20.99 -16.41
C CYS D 274 -4.42 20.40 -16.02
N THR D 275 -5.48 21.14 -16.32
CA THR D 275 -6.85 20.71 -16.11
C THR D 275 -7.76 21.61 -16.92
N THR D 276 -9.00 21.15 -17.13
CA THR D 276 -9.94 21.93 -17.92
C THR D 276 -10.24 23.27 -17.25
N ALA D 277 -10.33 23.29 -15.92
CA ALA D 277 -10.63 24.51 -15.19
C ALA D 277 -9.33 25.27 -14.93
N GLY D 278 -8.83 25.92 -15.97
CA GLY D 278 -7.63 26.72 -15.83
C GLY D 278 -6.66 26.59 -16.99
N GLY D 279 -6.62 25.40 -17.59
CA GLY D 279 -5.76 25.16 -18.72
C GLY D 279 -4.36 24.73 -18.28
N ILE D 280 -3.35 25.43 -18.80
CA ILE D 280 -1.96 25.14 -18.49
C ILE D 280 -1.52 26.09 -17.38
N MET D 281 -1.12 25.51 -16.25
CA MET D 281 -0.90 26.28 -15.02
C MET D 281 0.49 25.99 -14.48
N PRO D 282 1.44 26.90 -14.66
CA PRO D 282 2.83 26.62 -14.28
C PRO D 282 3.02 26.60 -12.77
N ILE D 283 4.08 25.89 -12.36
CA ILE D 283 4.50 25.82 -10.96
C ILE D 283 5.98 26.17 -10.91
N THR D 284 6.31 27.26 -10.22
CA THR D 284 7.68 27.75 -10.13
C THR D 284 8.26 27.62 -8.73
N SER D 285 7.55 26.98 -7.82
CA SER D 285 8.03 26.79 -6.46
C SER D 285 7.55 25.44 -5.94
N LEU D 286 8.44 24.71 -5.29
CA LEU D 286 8.14 23.40 -4.73
C LEU D 286 8.81 23.28 -3.37
N ASP D 287 8.01 22.95 -2.35
CA ASP D 287 8.50 22.78 -0.99
C ASP D 287 9.27 24.00 -0.49
N GLY D 288 8.82 25.18 -0.91
CA GLY D 288 9.45 26.42 -0.51
C GLY D 288 10.74 26.75 -1.22
N LYS D 289 11.10 26.00 -2.26
CA LYS D 289 12.30 26.24 -3.03
C LYS D 289 11.95 26.48 -4.50
N PRO D 290 12.71 27.33 -5.19
CA PRO D 290 12.38 27.62 -6.59
C PRO D 290 12.64 26.43 -7.49
N VAL D 291 11.75 26.23 -8.46
CA VAL D 291 11.92 25.20 -9.48
C VAL D 291 12.89 25.75 -10.52
N ASN D 292 14.08 25.15 -10.62
CA ASN D 292 15.15 25.63 -11.49
C ASN D 292 15.49 27.08 -11.15
N ASP D 293 15.05 28.02 -11.98
CA ASP D 293 15.31 29.44 -11.76
C ASP D 293 14.09 30.19 -11.24
N GLY D 294 13.03 29.48 -10.86
CA GLY D 294 11.84 30.13 -10.34
C GLY D 294 11.04 30.92 -11.35
N LYS D 295 11.34 30.78 -12.64
CA LYS D 295 10.62 31.46 -13.69
C LYS D 295 9.90 30.45 -14.57
N VAL D 296 8.87 30.92 -15.26
CA VAL D 296 8.10 30.06 -16.16
C VAL D 296 9.01 29.61 -17.30
N GLY D 297 9.26 28.31 -17.38
CA GLY D 297 10.21 27.77 -18.34
C GLY D 297 9.73 27.89 -19.77
N PRO D 298 10.67 27.69 -20.71
CA PRO D 298 10.32 27.87 -22.13
C PRO D 298 9.43 26.77 -22.68
N ILE D 299 9.59 25.53 -22.21
CA ILE D 299 8.75 24.45 -22.71
C ILE D 299 7.31 24.62 -22.21
N THR D 300 7.13 25.13 -21.00
CA THR D 300 5.79 25.41 -20.48
C THR D 300 5.09 26.48 -21.33
N LYS D 301 5.78 27.59 -21.58
CA LYS D 301 5.21 28.64 -22.43
C LYS D 301 4.85 28.12 -23.80
N LYS D 302 5.63 27.17 -24.31
CA LYS D 302 5.33 26.59 -25.63
C LYS D 302 4.05 25.77 -25.58
N ILE D 303 3.89 24.92 -24.56
CA ILE D 303 2.67 24.14 -24.43
C ILE D 303 1.49 25.06 -24.14
N TRP D 304 1.71 26.12 -23.36
CA TRP D 304 0.64 27.06 -23.04
C TRP D 304 0.07 27.69 -24.30
N ASP D 305 0.93 28.24 -25.15
CA ASP D 305 0.46 28.89 -26.37
C ASP D 305 -0.25 27.90 -27.29
N GLY D 306 0.27 26.68 -27.40
CA GLY D 306 -0.33 25.70 -28.27
C GLY D 306 -1.67 25.21 -27.76
N TYR D 307 -1.82 25.09 -26.44
CA TYR D 307 -3.06 24.60 -25.86
C TYR D 307 -4.22 25.52 -26.20
N TRP D 308 -4.04 26.83 -26.02
CA TRP D 308 -5.13 27.76 -26.29
C TRP D 308 -5.36 27.98 -27.78
N ALA D 309 -4.35 27.71 -28.62
CA ALA D 309 -4.57 27.77 -30.06
C ALA D 309 -5.47 26.64 -30.54
N MET D 310 -5.49 25.52 -29.81
CA MET D 310 -6.36 24.41 -30.18
C MET D 310 -7.83 24.77 -30.04
N HIS D 311 -8.16 25.74 -29.16
CA HIS D 311 -9.55 26.12 -28.96
C HIS D 311 -10.17 26.76 -30.19
N TYR D 312 -9.35 27.19 -31.15
CA TYR D 312 -9.83 27.70 -32.41
C TYR D 312 -9.62 26.72 -33.56
N ASP D 313 -8.99 25.58 -33.29
CA ASP D 313 -8.86 24.52 -34.28
C ASP D 313 -10.22 23.87 -34.49
N PRO D 314 -10.77 23.88 -35.71
CA PRO D 314 -12.08 23.24 -35.93
C PRO D 314 -12.07 21.75 -35.69
N ALA D 315 -10.91 21.09 -35.73
CA ALA D 315 -10.85 19.66 -35.47
C ALA D 315 -11.09 19.33 -34.00
N TYR D 316 -10.89 20.29 -33.10
CA TYR D 316 -11.08 20.06 -31.68
C TYR D 316 -12.19 20.90 -31.07
N SER D 317 -12.78 21.84 -31.80
CA SER D 317 -13.77 22.74 -31.24
C SER D 317 -14.81 23.07 -32.30
N PHE D 318 -15.93 23.64 -31.84
CA PHE D 318 -16.97 24.12 -32.74
C PHE D 318 -17.65 25.32 -32.13
N GLU D 319 -18.06 26.25 -32.98
CA GLU D 319 -18.61 27.52 -32.54
C GLU D 319 -20.07 27.37 -32.11
N ILE D 320 -20.43 28.06 -31.03
CA ILE D 320 -21.79 28.07 -30.52
C ILE D 320 -22.53 29.27 -31.09
N ASP D 321 -23.76 29.04 -31.56
CA ASP D 321 -24.60 30.11 -32.09
C ASP D 321 -25.41 30.71 -30.94
N TYR D 322 -25.11 31.96 -30.60
CA TYR D 322 -25.79 32.67 -29.53
C TYR D 322 -26.92 33.55 -30.04
N GLU D 323 -27.19 33.55 -31.35
CA GLU D 323 -28.18 34.43 -31.97
C GLU D 323 -27.88 35.89 -31.67
#